data_8PJE
#
_entry.id   8PJE
#
_cell.length_a   41.500
_cell.length_b   89.180
_cell.length_c   137.440
_cell.angle_alpha   90.000
_cell.angle_beta   90.900
_cell.angle_gamma   90.000
#
_symmetry.space_group_name_H-M   'P 1 21 1'
#
loop_
_entity.id
_entity.type
_entity.pdbx_description
1 polymer 'HLA class II histocompatibility antigen, DR alpha chain'
2 polymer 'HLA class II histocompatibility antigen, DRB1 beta chain'
3 polymer Hemagglutinin
4 non-polymer '4-(2-HYDROXYETHYL)-1-PIPERAZINE ETHANESULFONIC ACID'
5 non-polymer 1,2-ETHANEDIOL
6 non-polymer GLYCEROL
7 water water
#
loop_
_entity_poly.entity_id
_entity_poly.type
_entity_poly.pdbx_seq_one_letter_code
_entity_poly.pdbx_strand_id
1 'polypeptide(L)'
;MGSMIKEEHVIIQAEFYLNPDQSGEFMFDFDGDEIFHVDMAKKETVWRLEEFGRFASFEAQGALANIAVDKANLEIMTKR
SNYTPITNVPPEVTVLTNSPVELREPNVLICFIDKFTPPVVNVTWLRNGKPVTTGVSETVFLPREDHLFRKFHYLPFLPS
TEDVYDCRVEHWGLDEPLLKHWEFDA
;
A,D
2 'polypeptide(L)'
;MGSMGDTRPRFLWQLKFECHFFNGTERVRLLERCIYNQEESVRFDSDVGEYRAVTELGRPDAEYWNSQKDLLEQRRAAVD
TYCRHNYGVGESFTVQRRVEPKVTVYPSKTQPLQHHNLLVCSVSGFYPGSIEVRWFRNGQEEKAGVVSTGLIQNGDWTFQ
TLVMLETVPRSGEVYTCQVEHPSVTSPLTVEWRA
;
B,E
3 'polypeptide(L)' PKYVKQNTLKLAT C,F
#
# COMPACT_ATOMS: atom_id res chain seq x y z
N GLU A 7 18.70 -2.26 -42.82
CA GLU A 7 18.97 -2.95 -41.55
C GLU A 7 17.96 -2.53 -40.45
N GLU A 8 18.03 -3.20 -39.28
CA GLU A 8 17.21 -2.92 -38.09
C GLU A 8 17.96 -2.13 -37.02
N HIS A 9 17.30 -1.10 -36.47
CA HIS A 9 17.84 -0.39 -35.32
C HIS A 9 16.65 0.03 -34.47
N VAL A 10 16.91 0.26 -33.19
CA VAL A 10 15.89 0.70 -32.25
C VAL A 10 16.46 1.81 -31.37
N ILE A 11 15.74 2.93 -31.28
CA ILE A 11 16.08 4.00 -30.35
C ILE A 11 14.99 4.04 -29.28
N ILE A 12 15.39 4.02 -28.00
CA ILE A 12 14.45 4.05 -26.88
C ILE A 12 14.73 5.25 -25.99
N GLN A 13 13.71 6.04 -25.75
CA GLN A 13 13.67 7.01 -24.66
C GLN A 13 13.03 6.32 -23.46
N ALA A 14 13.80 6.12 -22.39
CA ALA A 14 13.37 5.33 -21.24
C ALA A 14 13.44 6.20 -20.01
N GLU A 15 12.35 6.29 -19.26
CA GLU A 15 12.37 7.07 -18.03
C GLU A 15 11.74 6.27 -16.93
N PHE A 16 12.03 6.64 -15.68
CA PHE A 16 11.32 5.97 -14.58
C PHE A 16 11.28 6.91 -13.40
N TYR A 17 10.35 6.61 -12.51
CA TYR A 17 10.35 7.24 -11.20
C TYR A 17 10.06 6.17 -10.17
N LEU A 18 10.75 6.23 -9.01
CA LEU A 18 10.66 5.19 -7.98
C LEU A 18 10.42 5.84 -6.62
N ASN A 19 9.39 5.37 -5.91
CA ASN A 19 9.07 5.78 -4.52
C ASN A 19 9.26 4.59 -3.60
N PRO A 20 9.63 4.80 -2.33
CA PRO A 20 9.76 6.06 -1.65
C PRO A 20 11.12 6.74 -1.84
N ASP A 21 11.96 6.17 -2.70
CA ASP A 21 13.30 6.73 -2.89
C ASP A 21 13.31 8.12 -3.52
N GLN A 22 12.24 8.52 -4.20
CA GLN A 22 12.19 9.78 -4.96
C GLN A 22 13.32 9.83 -5.96
N SER A 23 13.48 8.71 -6.68
CA SER A 23 14.57 8.52 -7.62
CA SER A 23 14.57 8.50 -7.62
C SER A 23 14.01 8.54 -9.03
N GLY A 24 14.52 9.48 -9.87
CA GLY A 24 14.06 9.48 -11.26
C GLY A 24 15.21 9.29 -12.23
N GLU A 25 14.88 8.85 -13.46
CA GLU A 25 15.89 8.62 -14.46
C GLU A 25 15.33 8.92 -15.84
N PHE A 26 16.19 9.48 -16.72
CA PHE A 26 15.77 9.76 -18.10
C PHE A 26 16.98 9.47 -18.99
N MET A 27 16.82 8.60 -20.01
CA MET A 27 17.97 8.23 -20.84
CA MET A 27 17.97 8.25 -20.85
C MET A 27 17.48 7.85 -22.22
N PHE A 28 18.39 7.92 -23.21
CA PHE A 28 18.15 7.42 -24.56
C PHE A 28 19.13 6.26 -24.82
N ASP A 29 18.64 5.23 -25.49
CA ASP A 29 19.37 3.99 -25.77
C ASP A 29 19.31 3.75 -27.29
N PHE A 30 20.42 3.30 -27.86
CA PHE A 30 20.49 2.91 -29.27
C PHE A 30 21.02 1.48 -29.34
N ASP A 31 20.21 0.53 -29.87
CA ASP A 31 20.64 -0.87 -29.95
C ASP A 31 21.26 -1.40 -28.64
N GLY A 32 20.76 -0.97 -27.50
CA GLY A 32 21.23 -1.50 -26.22
C GLY A 32 22.36 -0.72 -25.56
N ASP A 33 22.89 0.32 -26.21
CA ASP A 33 23.91 1.18 -25.62
C ASP A 33 23.35 2.56 -25.30
N GLU A 34 23.80 3.13 -24.20
CA GLU A 34 23.26 4.41 -23.76
C GLU A 34 23.81 5.57 -24.60
N ILE A 35 22.94 6.40 -25.21
CA ILE A 35 23.46 7.61 -25.86
C ILE A 35 23.76 8.69 -24.82
N PHE A 36 22.78 9.00 -23.97
CA PHE A 36 22.97 9.98 -22.90
C PHE A 36 21.96 9.71 -21.81
N HIS A 37 22.19 10.33 -20.65
CA HIS A 37 21.14 10.40 -19.65
C HIS A 37 21.14 11.83 -19.09
N VAL A 38 20.12 12.16 -18.28
CA VAL A 38 20.12 13.47 -17.65
C VAL A 38 20.39 13.27 -16.17
N ASP A 39 21.46 13.90 -15.68
CA ASP A 39 21.77 13.94 -14.23
C ASP A 39 20.75 14.82 -13.52
N MET A 40 19.98 14.19 -12.61
CA MET A 40 18.82 14.84 -12.02
C MET A 40 19.29 15.85 -11.00
N ALA A 41 20.44 15.63 -10.39
CA ALA A 41 20.91 16.56 -9.35
C ALA A 41 21.54 17.81 -9.98
N LYS A 42 22.36 17.61 -11.00
CA LYS A 42 23.01 18.69 -11.72
C LYS A 42 22.13 19.27 -12.82
N LYS A 43 20.99 18.63 -13.13
CA LYS A 43 20.08 19.08 -14.20
C LYS A 43 20.85 19.28 -15.52
N GLU A 44 21.63 18.27 -15.87
CA GLU A 44 22.44 18.43 -17.09
C GLU A 44 22.52 17.14 -17.89
N THR A 45 22.69 17.31 -19.21
CA THR A 45 22.79 16.15 -20.10
C THR A 45 24.19 15.57 -20.00
N VAL A 46 24.28 14.27 -19.79
CA VAL A 46 25.56 13.57 -19.62
C VAL A 46 25.70 12.57 -20.76
N TRP A 47 26.69 12.77 -21.63
CA TRP A 47 26.83 11.88 -22.81
C TRP A 47 27.65 10.63 -22.45
N ARG A 48 27.27 9.47 -23.01
CA ARG A 48 27.92 8.23 -22.60
C ARG A 48 29.39 8.19 -23.04
N LEU A 49 29.65 8.57 -24.30
CA LEU A 49 30.98 8.89 -24.80
C LEU A 49 31.09 10.40 -24.97
N GLU A 50 32.19 10.96 -24.51
CA GLU A 50 32.27 12.42 -24.45
C GLU A 50 32.05 13.07 -25.83
N GLU A 51 32.60 12.49 -26.89
CA GLU A 51 32.48 13.10 -28.22
C GLU A 51 31.03 13.28 -28.68
N PHE A 52 30.09 12.45 -28.16
CA PHE A 52 28.71 12.63 -28.60
C PHE A 52 28.23 14.06 -28.35
N GLY A 53 28.70 14.70 -27.27
CA GLY A 53 28.24 16.04 -26.99
C GLY A 53 28.78 17.09 -27.93
N ARG A 54 29.78 16.76 -28.71
CA ARG A 54 30.14 17.71 -29.74
C ARG A 54 29.39 17.52 -31.06
N PHE A 55 28.65 16.43 -31.18
CA PHE A 55 27.88 16.15 -32.38
C PHE A 55 26.40 16.42 -32.21
N ALA A 56 25.89 16.45 -30.99
CA ALA A 56 24.45 16.53 -30.82
C ALA A 56 24.17 17.25 -29.51
N SER A 57 22.92 17.68 -29.30
CA SER A 57 22.56 18.32 -28.03
C SER A 57 21.23 17.77 -27.53
N PHE A 58 20.97 17.95 -26.23
CA PHE A 58 19.65 17.62 -25.69
C PHE A 58 19.38 18.60 -24.56
N GLU A 59 18.22 19.27 -24.60
CA GLU A 59 17.86 20.24 -23.57
C GLU A 59 17.36 19.52 -22.33
N ALA A 60 18.18 19.56 -21.28
CA ALA A 60 17.93 18.76 -20.07
C ALA A 60 16.65 19.18 -19.34
N GLN A 61 16.26 20.45 -19.46
CA GLN A 61 15.00 20.85 -18.78
C GLN A 61 13.80 20.03 -19.26
N GLY A 62 13.80 19.59 -20.55
CA GLY A 62 12.68 18.75 -20.99
C GLY A 62 12.60 17.43 -20.23
N ALA A 63 13.76 16.83 -19.92
CA ALA A 63 13.73 15.61 -19.12
C ALA A 63 13.15 15.91 -17.72
N LEU A 64 13.53 17.05 -17.12
CA LEU A 64 13.05 17.35 -15.77
C LEU A 64 11.53 17.53 -15.76
N ALA A 65 11.00 18.15 -16.81
CA ALA A 65 9.56 18.35 -16.90
C ALA A 65 8.85 17.00 -16.99
N ASN A 66 9.41 16.09 -17.80
CA ASN A 66 8.84 14.74 -17.91
C ASN A 66 8.85 14.03 -16.57
N ILE A 67 9.96 14.14 -15.83
CA ILE A 67 10.10 13.42 -14.58
C ILE A 67 9.06 13.95 -13.57
N ALA A 68 8.78 15.25 -13.61
CA ALA A 68 7.77 15.72 -12.66
C ALA A 68 6.40 15.08 -12.96
N VAL A 69 6.08 14.94 -14.25
CA VAL A 69 4.82 14.29 -14.59
C VAL A 69 4.86 12.81 -14.19
N ASP A 70 6.00 12.14 -14.44
CA ASP A 70 6.18 10.73 -14.05
C ASP A 70 5.94 10.54 -12.55
N LYS A 71 6.45 11.46 -11.73
CA LYS A 71 6.28 11.37 -10.28
C LYS A 71 4.81 11.49 -9.89
N ALA A 72 4.12 12.50 -10.46
CA ALA A 72 2.68 12.62 -10.21
C ALA A 72 1.94 11.38 -10.66
N ASN A 73 2.32 10.82 -11.82
CA ASN A 73 1.58 9.62 -12.32
C ASN A 73 1.88 8.40 -11.48
N LEU A 74 3.11 8.30 -10.93
CA LEU A 74 3.40 7.17 -10.04
C LEU A 74 2.47 7.19 -8.84
N GLU A 75 2.24 8.39 -8.29
CA GLU A 75 1.34 8.50 -7.13
C GLU A 75 -0.09 8.07 -7.50
N ILE A 76 -0.56 8.47 -8.69
CA ILE A 76 -1.87 8.02 -9.18
C ILE A 76 -1.93 6.48 -9.27
N MET A 77 -0.94 5.88 -9.94
CA MET A 77 -0.91 4.41 -10.13
C MET A 77 -0.76 3.67 -8.80
N THR A 78 -0.01 4.23 -7.87
CA THR A 78 0.16 3.57 -6.57
C THR A 78 -1.20 3.44 -5.90
N LYS A 79 -1.97 4.52 -5.91
CA LYS A 79 -3.32 4.46 -5.32
C LYS A 79 -4.27 3.61 -6.15
N ARG A 80 -4.20 3.72 -7.49
CA ARG A 80 -5.13 2.99 -8.35
CA ARG A 80 -5.13 2.99 -8.34
C ARG A 80 -4.95 1.48 -8.23
N SER A 81 -3.73 1.02 -7.97
CA SER A 81 -3.43 -0.42 -7.80
C SER A 81 -3.72 -0.92 -6.40
N ASN A 82 -4.38 -0.12 -5.56
CA ASN A 82 -4.59 -0.43 -4.14
C ASN A 82 -3.26 -0.70 -3.43
N TYR A 83 -2.27 0.17 -3.73
CA TYR A 83 -0.95 0.17 -3.07
C TYR A 83 -0.22 -1.16 -3.26
N THR A 84 -0.27 -1.70 -4.49
CA THR A 84 0.46 -2.92 -4.80
C THR A 84 1.94 -2.60 -5.05
N PRO A 85 2.86 -3.12 -4.24
CA PRO A 85 4.29 -2.78 -4.42
C PRO A 85 4.91 -3.71 -5.45
N ILE A 86 6.12 -3.34 -5.85
CA ILE A 86 6.86 -4.17 -6.80
C ILE A 86 7.40 -5.42 -6.12
N THR A 87 7.49 -6.50 -6.89
CA THR A 87 8.11 -7.75 -6.41
C THR A 87 9.60 -7.69 -6.73
N ASN A 88 10.47 -7.82 -5.72
CA ASN A 88 11.93 -7.78 -6.01
C ASN A 88 12.36 -8.94 -6.89
N VAL A 89 13.18 -8.64 -7.88
CA VAL A 89 13.84 -9.64 -8.74
C VAL A 89 15.33 -9.41 -8.61
N PRO A 90 16.06 -10.35 -8.04
CA PRO A 90 17.50 -10.16 -7.78
C PRO A 90 18.30 -10.22 -9.06
N PRO A 91 19.47 -9.60 -9.06
CA PRO A 91 20.31 -9.63 -10.26
C PRO A 91 21.15 -10.89 -10.41
N GLU A 92 21.58 -11.11 -11.68
CA GLU A 92 22.65 -12.02 -12.07
C GLU A 92 23.87 -11.16 -12.29
N VAL A 93 25.01 -11.62 -11.79
CA VAL A 93 26.21 -10.78 -11.81
C VAL A 93 27.32 -11.56 -12.52
N THR A 94 28.08 -10.88 -13.40
CA THR A 94 29.24 -11.42 -14.12
C THR A 94 30.40 -10.45 -13.98
N VAL A 95 31.63 -10.96 -13.78
CA VAL A 95 32.83 -10.14 -13.81
C VAL A 95 33.72 -10.59 -14.95
N LEU A 96 34.25 -9.62 -15.69
CA LEU A 96 35.17 -9.90 -16.77
C LEU A 96 36.10 -8.71 -16.89
N THR A 97 37.15 -8.84 -17.70
CA THR A 97 38.02 -7.72 -18.00
C THR A 97 37.72 -7.21 -19.41
N ASN A 98 38.14 -5.97 -19.68
CA ASN A 98 38.01 -5.37 -21.02
C ASN A 98 38.74 -6.13 -22.12
N SER A 99 39.85 -6.76 -21.80
CA SER A 99 40.62 -7.51 -22.78
C SER A 99 41.50 -8.47 -21.99
N PRO A 100 42.14 -9.42 -22.66
CA PRO A 100 43.09 -10.29 -21.97
C PRO A 100 44.12 -9.47 -21.19
N VAL A 101 44.40 -9.90 -20.01
CA VAL A 101 45.20 -9.13 -19.06
C VAL A 101 46.67 -9.53 -19.19
N GLU A 102 47.54 -8.53 -19.11
CA GLU A 102 48.99 -8.73 -19.14
C GLU A 102 49.57 -8.04 -17.90
N LEU A 103 50.50 -8.71 -17.22
CA LEU A 103 51.13 -8.13 -16.03
C LEU A 103 51.62 -6.73 -16.30
N ARG A 104 51.28 -5.81 -15.41
CA ARG A 104 51.79 -4.44 -15.46
CA ARG A 104 51.78 -4.43 -15.45
C ARG A 104 51.36 -3.68 -16.72
N GLU A 105 50.27 -4.11 -17.39
CA GLU A 105 49.68 -3.37 -18.50
C GLU A 105 48.28 -2.97 -18.07
N PRO A 106 47.96 -1.69 -17.96
CA PRO A 106 46.66 -1.27 -17.37
C PRO A 106 45.50 -1.91 -18.10
N ASN A 107 44.47 -2.29 -17.34
CA ASN A 107 43.26 -2.93 -17.89
C ASN A 107 42.07 -2.44 -17.08
N VAL A 108 40.89 -3.00 -17.36
CA VAL A 108 39.67 -2.58 -16.65
C VAL A 108 38.84 -3.81 -16.29
N LEU A 109 38.47 -3.91 -15.03
CA LEU A 109 37.50 -4.90 -14.58
C LEU A 109 36.08 -4.37 -14.75
N ILE A 110 35.20 -5.23 -15.23
CA ILE A 110 33.81 -4.92 -15.49
C ILE A 110 32.94 -5.82 -14.63
N CYS A 111 32.01 -5.21 -13.88
CA CYS A 111 31.00 -5.94 -13.14
C CYS A 111 29.66 -5.64 -13.81
N PHE A 112 29.09 -6.67 -14.44
CA PHE A 112 27.85 -6.59 -15.16
C PHE A 112 26.70 -7.14 -14.29
N ILE A 113 25.77 -6.26 -13.95
CA ILE A 113 24.66 -6.59 -13.08
C ILE A 113 23.41 -6.57 -13.97
N ASP A 114 22.67 -7.69 -14.01
CA ASP A 114 21.66 -7.87 -15.07
C ASP A 114 20.36 -8.43 -14.47
N LYS A 115 19.24 -8.10 -15.13
CA LYS A 115 17.97 -8.80 -14.91
C LYS A 115 17.40 -8.59 -13.51
N PHE A 116 17.36 -7.32 -13.05
CA PHE A 116 16.87 -7.05 -11.70
C PHE A 116 15.85 -5.91 -11.68
N THR A 117 15.06 -5.88 -10.60
CA THR A 117 14.27 -4.69 -10.33
C THR A 117 13.89 -4.76 -8.85
N PRO A 118 13.61 -3.62 -8.20
CA PRO A 118 13.59 -2.23 -8.65
C PRO A 118 15.04 -1.80 -8.91
N PRO A 119 15.19 -0.61 -9.52
CA PRO A 119 16.51 -0.10 -9.94
C PRO A 119 17.21 0.62 -8.80
N VAL A 120 17.58 -0.20 -7.85
CA VAL A 120 18.37 0.17 -6.67
C VAL A 120 19.33 -1.01 -6.46
N VAL A 121 20.64 -0.75 -6.42
CA VAL A 121 21.57 -1.88 -6.24
C VAL A 121 22.84 -1.29 -5.65
N ASN A 122 23.47 -2.04 -4.75
CA ASN A 122 24.72 -1.57 -4.16
C ASN A 122 25.87 -2.45 -4.65
N VAL A 123 26.94 -1.82 -5.19
CA VAL A 123 28.03 -2.56 -5.81
C VAL A 123 29.31 -2.08 -5.16
N THR A 124 30.11 -3.00 -4.64
CA THR A 124 31.42 -2.67 -4.04
C THR A 124 32.51 -3.51 -4.72
N TRP A 125 33.59 -2.86 -5.17
CA TRP A 125 34.78 -3.60 -5.57
C TRP A 125 35.66 -3.87 -4.35
N LEU A 126 36.17 -5.09 -4.22
CA LEU A 126 37.09 -5.48 -3.15
C LEU A 126 38.40 -5.96 -3.78
N ARG A 127 39.51 -5.44 -3.29
CA ARG A 127 40.83 -5.89 -3.68
C ARG A 127 41.48 -6.56 -2.49
N ASN A 128 41.82 -7.84 -2.63
CA ASN A 128 42.29 -8.63 -1.48
C ASN A 128 41.37 -8.45 -0.28
N GLY A 129 40.06 -8.49 -0.54
CA GLY A 129 39.04 -8.42 0.48
C GLY A 129 38.71 -7.05 1.03
N LYS A 130 39.41 -5.96 0.56
CA LYS A 130 39.23 -4.60 1.06
C LYS A 130 38.59 -3.68 0.03
N PRO A 131 37.65 -2.81 0.43
CA PRO A 131 36.99 -1.99 -0.59
C PRO A 131 37.98 -1.05 -1.29
N VAL A 132 37.81 -0.94 -2.61
CA VAL A 132 38.60 -0.11 -3.52
C VAL A 132 37.64 0.87 -4.12
N THR A 133 38.03 2.14 -4.13
CA THR A 133 37.25 3.15 -4.86
C THR A 133 38.06 3.97 -5.87
N THR A 134 39.35 3.71 -5.99
CA THR A 134 40.20 4.50 -6.86
C THR A 134 39.78 4.41 -8.32
N GLY A 135 39.22 5.50 -8.83
CA GLY A 135 38.93 5.57 -10.24
C GLY A 135 37.76 4.73 -10.71
N VAL A 136 36.87 4.28 -9.79
CA VAL A 136 35.73 3.48 -10.25
C VAL A 136 34.73 4.38 -10.97
N SER A 137 33.96 3.79 -11.90
CA SER A 137 32.85 4.49 -12.52
C SER A 137 31.71 3.50 -12.75
N GLU A 138 30.55 4.04 -13.08
CA GLU A 138 29.39 3.20 -13.24
C GLU A 138 28.44 3.84 -14.26
N THR A 139 27.56 3.02 -14.79
CA THR A 139 26.51 3.51 -15.65
C THR A 139 25.25 3.78 -14.82
N VAL A 140 24.25 4.42 -15.46
CA VAL A 140 22.91 4.49 -14.86
C VAL A 140 22.21 3.13 -15.12
N PHE A 141 20.94 3.03 -14.73
CA PHE A 141 20.16 1.78 -14.87
C PHE A 141 19.68 1.67 -16.31
N LEU A 142 20.07 0.64 -17.01
CA LEU A 142 19.75 0.55 -18.43
C LEU A 142 18.51 -0.34 -18.64
N PRO A 143 17.66 -0.10 -19.63
CA PRO A 143 16.41 -0.86 -19.75
C PRO A 143 16.61 -2.21 -20.44
N ARG A 144 15.69 -3.13 -20.14
CA ARG A 144 15.58 -4.45 -20.79
C ARG A 144 14.13 -4.63 -21.30
N GLU A 145 13.97 -5.47 -22.35
CA GLU A 145 12.63 -5.70 -22.91
C GLU A 145 11.66 -6.36 -21.92
N ASP A 146 12.16 -7.09 -20.90
CA ASP A 146 11.25 -7.63 -19.89
C ASP A 146 10.99 -6.63 -18.75
N HIS A 147 11.41 -5.37 -18.94
CA HIS A 147 11.18 -4.27 -18.03
C HIS A 147 11.96 -4.40 -16.75
N LEU A 148 12.93 -5.34 -16.71
CA LEU A 148 13.98 -5.30 -15.69
C LEU A 148 15.09 -4.36 -16.13
N PHE A 149 16.17 -4.31 -15.36
CA PHE A 149 17.28 -3.36 -15.58
C PHE A 149 18.64 -4.08 -15.67
N ARG A 150 19.60 -3.35 -16.25
CA ARG A 150 21.01 -3.71 -16.42
CA ARG A 150 21.01 -3.76 -16.28
C ARG A 150 21.84 -2.57 -15.87
N LYS A 151 23.07 -2.87 -15.44
CA LYS A 151 23.97 -1.81 -14.99
C LYS A 151 25.42 -2.30 -15.11
N PHE A 152 26.39 -1.38 -15.32
CA PHE A 152 27.80 -1.79 -15.39
C PHE A 152 28.59 -0.95 -14.40
N HIS A 153 29.52 -1.61 -13.67
CA HIS A 153 30.48 -0.88 -12.84
C HIS A 153 31.90 -1.22 -13.32
N TYR A 154 32.78 -0.22 -13.30
CA TYR A 154 34.10 -0.38 -13.90
C TYR A 154 35.19 -0.03 -12.88
N LEU A 155 36.29 -0.77 -12.94
CA LEU A 155 37.45 -0.51 -12.08
C LEU A 155 38.76 -0.63 -12.86
N PRO A 156 39.42 0.48 -13.17
CA PRO A 156 40.74 0.40 -13.81
C PRO A 156 41.72 -0.20 -12.84
N PHE A 157 42.66 -0.96 -13.36
CA PHE A 157 43.61 -1.60 -12.47
C PHE A 157 44.89 -1.99 -13.20
N LEU A 158 45.96 -2.17 -12.37
CA LEU A 158 47.26 -2.60 -12.85
C LEU A 158 47.42 -4.06 -12.47
N PRO A 159 47.40 -4.98 -13.42
CA PRO A 159 47.36 -6.40 -13.07
C PRO A 159 48.63 -6.86 -12.33
N SER A 160 48.42 -7.76 -11.37
CA SER A 160 49.51 -8.27 -10.56
CA SER A 160 49.51 -8.27 -10.56
C SER A 160 49.22 -9.71 -10.18
N THR A 161 50.26 -10.50 -9.98
CA THR A 161 50.00 -11.85 -9.48
C THR A 161 49.63 -11.87 -8.01
N GLU A 162 49.80 -10.76 -7.28
CA GLU A 162 49.54 -10.71 -5.84
C GLU A 162 48.16 -10.20 -5.48
N ASP A 163 47.38 -9.70 -6.44
CA ASP A 163 46.10 -9.07 -6.14
C ASP A 163 44.97 -9.95 -6.64
N VAL A 164 43.93 -10.03 -5.84
CA VAL A 164 42.71 -10.73 -6.18
C VAL A 164 41.55 -9.75 -6.05
N TYR A 165 40.48 -9.93 -6.84
CA TYR A 165 39.41 -8.95 -6.85
C TYR A 165 38.06 -9.63 -6.72
N ASP A 166 37.08 -8.92 -6.15
CA ASP A 166 35.70 -9.39 -6.08
C ASP A 166 34.75 -8.22 -6.32
N CYS A 167 33.65 -8.47 -6.99
CA CYS A 167 32.55 -7.51 -7.09
C CYS A 167 31.45 -8.00 -6.16
N ARG A 168 31.09 -7.22 -5.13
CA ARG A 168 30.07 -7.57 -4.14
C ARG A 168 28.79 -6.80 -4.49
N VAL A 169 27.68 -7.53 -4.70
CA VAL A 169 26.44 -6.93 -5.15
C VAL A 169 25.33 -7.21 -4.12
N GLU A 170 24.62 -6.16 -3.70
CA GLU A 170 23.52 -6.26 -2.73
C GLU A 170 22.26 -5.68 -3.37
N HIS A 171 21.11 -6.27 -3.04
CA HIS A 171 19.85 -5.94 -3.70
C HIS A 171 18.74 -6.50 -2.83
N TRP A 172 17.59 -5.81 -2.74
CA TRP A 172 16.49 -6.29 -1.88
C TRP A 172 16.03 -7.71 -2.23
N GLY A 173 16.29 -8.16 -3.46
CA GLY A 173 15.89 -9.52 -3.74
C GLY A 173 16.88 -10.59 -3.36
N LEU A 174 18.03 -10.24 -2.80
CA LEU A 174 19.05 -11.23 -2.45
C LEU A 174 19.10 -11.40 -0.94
N ASP A 175 19.05 -12.65 -0.44
CA ASP A 175 19.20 -12.93 0.98
C ASP A 175 20.61 -12.61 1.49
N GLU A 176 21.63 -12.88 0.69
CA GLU A 176 23.03 -12.70 1.04
C GLU A 176 23.68 -11.95 -0.10
N PRO A 177 24.74 -11.20 0.14
CA PRO A 177 25.36 -10.55 -0.99
C PRO A 177 25.97 -11.56 -1.96
N LEU A 178 25.96 -11.17 -3.22
CA LEU A 178 26.61 -11.97 -4.24
C LEU A 178 28.05 -11.50 -4.33
N LEU A 179 28.99 -12.44 -4.43
CA LEU A 179 30.41 -12.09 -4.57
C LEU A 179 30.89 -12.80 -5.84
N LYS A 180 31.40 -12.06 -6.82
CA LYS A 180 31.94 -12.67 -8.04
C LYS A 180 33.42 -12.33 -8.12
N HIS A 181 34.24 -13.33 -8.35
CA HIS A 181 35.70 -13.27 -8.17
C HIS A 181 36.43 -13.09 -9.50
N TRP A 182 37.58 -12.42 -9.46
CA TRP A 182 38.52 -12.40 -10.59
C TRP A 182 39.95 -12.44 -10.04
N GLU A 183 40.81 -13.24 -10.71
CA GLU A 183 42.22 -13.43 -10.39
C GLU A 183 42.99 -13.50 -11.71
N PHE A 184 44.24 -13.01 -11.71
CA PHE A 184 45.07 -13.20 -12.90
C PHE A 184 45.29 -14.69 -13.15
N ASP A 185 45.09 -15.11 -14.39
CA ASP A 185 45.30 -16.51 -14.76
C ASP A 185 46.75 -16.75 -15.14
N GLY B 2 18.69 -11.01 4.24
CA GLY B 2 18.57 -9.82 3.39
C GLY B 2 19.94 -9.20 3.20
N SER B 3 20.24 -8.61 2.04
CA SER B 3 21.61 -8.16 1.84
C SER B 3 21.73 -6.63 1.96
N MET B 4 20.61 -5.92 2.08
CA MET B 4 20.61 -4.48 2.37
C MET B 4 19.38 -4.10 3.17
N GLY B 5 19.49 -2.99 3.90
CA GLY B 5 18.42 -2.53 4.75
C GLY B 5 17.40 -1.71 4.00
N ASP B 6 16.50 -1.10 4.79
CA ASP B 6 15.37 -0.32 4.29
C ASP B 6 14.48 -1.14 3.37
N THR B 7 13.76 -2.09 3.98
CA THR B 7 12.90 -2.98 3.20
C THR B 7 11.45 -2.45 3.05
N ARG B 8 11.26 -1.13 3.09
CA ARG B 8 9.95 -0.57 2.78
C ARG B 8 9.49 -0.99 1.38
N PRO B 9 8.18 -1.13 1.19
CA PRO B 9 7.68 -1.44 -0.18
C PRO B 9 8.08 -0.35 -1.16
N ARG B 10 8.33 -0.77 -2.41
CA ARG B 10 8.69 0.14 -3.48
C ARG B 10 7.61 0.13 -4.55
N PHE B 11 7.50 1.26 -5.28
CA PHE B 11 6.48 1.42 -6.33
C PHE B 11 7.21 2.08 -7.48
N LEU B 12 7.12 1.48 -8.68
CA LEU B 12 7.96 1.89 -9.82
C LEU B 12 7.08 2.20 -11.02
N TRP B 13 7.39 3.31 -11.71
CA TRP B 13 6.63 3.70 -12.92
C TRP B 13 7.66 3.92 -14.01
N GLN B 14 7.51 3.27 -15.15
CA GLN B 14 8.47 3.43 -16.26
C GLN B 14 7.70 3.80 -17.51
N LEU B 15 8.34 4.60 -18.36
CA LEU B 15 7.80 4.97 -19.67
C LEU B 15 8.87 4.63 -20.68
N LYS B 16 8.48 4.02 -21.80
CA LYS B 16 9.44 3.71 -22.85
C LYS B 16 8.84 4.19 -24.14
N PHE B 17 9.58 4.99 -24.87
CA PHE B 17 9.15 5.36 -26.23
C PHE B 17 10.15 4.71 -27.19
N GLU B 18 9.71 3.72 -27.96
CA GLU B 18 10.60 2.91 -28.80
C GLU B 18 10.34 3.24 -30.25
N CYS B 19 11.41 3.64 -30.93
CA CYS B 19 11.40 3.87 -32.37
C CYS B 19 12.11 2.71 -33.05
N HIS B 20 11.37 1.96 -33.88
CA HIS B 20 11.89 0.79 -34.58
C HIS B 20 12.07 1.16 -36.03
N PHE B 21 13.29 0.93 -36.56
CA PHE B 21 13.66 1.34 -37.93
C PHE B 21 13.99 0.11 -38.76
N PHE B 22 13.48 0.09 -39.99
CA PHE B 22 13.65 -0.99 -40.96
C PHE B 22 14.12 -0.34 -42.25
N ASN B 23 15.27 -0.81 -42.76
CA ASN B 23 15.87 -0.37 -44.02
C ASN B 23 16.12 1.15 -44.01
N GLY B 24 17.06 1.55 -43.15
CA GLY B 24 17.24 2.95 -42.88
C GLY B 24 16.02 3.48 -42.15
N THR B 25 15.35 4.49 -42.72
CA THR B 25 14.08 4.98 -42.20
C THR B 25 12.93 4.72 -43.19
N GLU B 26 13.10 3.74 -44.07
CA GLU B 26 12.02 3.44 -45.01
C GLU B 26 10.77 2.97 -44.27
N ARG B 27 10.93 2.14 -43.25
CA ARG B 27 9.78 1.78 -42.43
C ARG B 27 10.08 2.12 -40.96
N VAL B 28 9.13 2.75 -40.28
CA VAL B 28 9.32 3.15 -38.90
C VAL B 28 8.07 2.78 -38.12
N ARG B 29 8.28 2.24 -36.93
CA ARG B 29 7.19 1.91 -36.01
C ARG B 29 7.49 2.52 -34.65
N LEU B 30 6.56 3.32 -34.12
CA LEU B 30 6.67 3.89 -32.77
C LEU B 30 5.83 3.05 -31.80
N LEU B 31 6.42 2.68 -30.67
CA LEU B 31 5.70 1.93 -29.65
C LEU B 31 5.96 2.61 -28.32
N GLU B 32 4.91 3.24 -27.73
CA GLU B 32 5.01 3.88 -26.43
C GLU B 32 4.40 2.95 -25.40
N ARG B 33 5.09 2.76 -24.27
CA ARG B 33 4.66 1.78 -23.28
C ARG B 33 4.72 2.43 -21.92
N CYS B 34 3.65 2.24 -21.13
CA CYS B 34 3.59 2.65 -19.73
C CYS B 34 3.67 1.38 -18.89
N ILE B 35 4.57 1.34 -17.91
CA ILE B 35 4.77 0.11 -17.14
C ILE B 35 4.73 0.42 -15.66
N TYR B 36 3.85 -0.27 -14.93
CA TYR B 36 3.78 -0.08 -13.48
C TYR B 36 4.38 -1.32 -12.82
N ASN B 37 5.39 -1.13 -11.95
CA ASN B 37 6.16 -2.22 -11.35
C ASN B 37 6.75 -3.09 -12.47
N GLN B 38 6.28 -4.29 -12.69
CA GLN B 38 6.87 -4.93 -13.86
C GLN B 38 5.85 -5.15 -14.98
N GLU B 39 4.69 -4.54 -14.90
CA GLU B 39 3.57 -4.90 -15.76
C GLU B 39 3.22 -3.73 -16.68
N GLU B 40 3.35 -3.93 -18.00
CA GLU B 40 2.91 -2.92 -18.95
C GLU B 40 1.39 -2.74 -18.84
N SER B 41 0.94 -1.49 -18.68
CA SER B 41 -0.51 -1.29 -18.51
C SER B 41 -1.21 -0.71 -19.73
N VAL B 42 -0.54 0.11 -20.53
CA VAL B 42 -1.16 0.74 -21.70
C VAL B 42 -0.10 1.04 -22.73
N ARG B 43 -0.48 1.05 -24.01
CA ARG B 43 0.53 1.36 -25.03
C ARG B 43 -0.07 2.13 -26.21
N PHE B 44 0.79 2.87 -26.91
CA PHE B 44 0.44 3.45 -28.20
C PHE B 44 1.33 2.81 -29.25
N ASP B 45 0.75 2.11 -30.20
CA ASP B 45 1.44 1.45 -31.28
C ASP B 45 1.07 2.18 -32.56
N SER B 46 2.07 2.76 -33.27
CA SER B 46 1.73 3.53 -34.49
C SER B 46 1.11 2.64 -35.56
N ASP B 47 1.37 1.33 -35.53
CA ASP B 47 0.66 0.49 -36.51
C ASP B 47 -0.82 0.33 -36.19
N VAL B 48 -1.24 0.61 -34.97
CA VAL B 48 -2.65 0.57 -34.56
C VAL B 48 -3.29 1.95 -34.64
N GLY B 49 -2.59 2.98 -34.15
CA GLY B 49 -3.02 4.35 -34.33
C GLY B 49 -3.81 4.94 -33.18
N GLU B 50 -3.97 4.22 -32.07
CA GLU B 50 -4.67 4.71 -30.90
C GLU B 50 -4.12 3.97 -29.70
N TYR B 51 -4.38 4.50 -28.51
CA TYR B 51 -3.89 3.82 -27.31
C TYR B 51 -4.75 2.60 -27.06
N ARG B 52 -4.11 1.57 -26.52
CA ARG B 52 -4.81 0.35 -26.12
C ARG B 52 -4.37 -0.08 -24.75
N ALA B 53 -5.34 -0.48 -23.90
CA ALA B 53 -4.97 -1.04 -22.61
C ALA B 53 -4.36 -2.41 -22.81
N VAL B 54 -3.29 -2.68 -22.06
CA VAL B 54 -2.66 -3.99 -22.05
C VAL B 54 -3.16 -4.84 -20.89
N THR B 55 -3.40 -4.22 -19.74
CA THR B 55 -4.01 -4.81 -18.57
C THR B 55 -5.16 -3.93 -18.09
N GLU B 56 -5.90 -4.47 -17.12
CA GLU B 56 -7.07 -3.76 -16.62
C GLU B 56 -6.69 -2.39 -16.05
N LEU B 57 -5.51 -2.29 -15.43
CA LEU B 57 -5.06 -1.04 -14.80
C LEU B 57 -4.93 0.10 -15.80
N GLY B 58 -4.67 -0.19 -17.06
CA GLY B 58 -4.52 0.85 -18.07
C GLY B 58 -5.79 1.30 -18.79
N ARG B 59 -6.95 0.68 -18.50
CA ARG B 59 -8.16 1.06 -19.23
C ARG B 59 -8.54 2.52 -19.06
N PRO B 60 -8.49 3.14 -17.87
CA PRO B 60 -8.91 4.55 -17.80
C PRO B 60 -8.06 5.46 -18.65
N ASP B 61 -6.77 5.12 -18.82
CA ASP B 61 -5.86 6.00 -19.56
C ASP B 61 -6.09 5.92 -21.05
N ALA B 62 -6.21 4.71 -21.56
CA ALA B 62 -6.56 4.56 -22.98
C ALA B 62 -7.82 5.34 -23.32
N GLU B 63 -8.87 5.21 -22.50
CA GLU B 63 -10.12 5.90 -22.79
C GLU B 63 -9.92 7.40 -22.76
N TYR B 64 -9.20 7.90 -21.77
CA TYR B 64 -9.03 9.35 -21.67
C TYR B 64 -8.20 9.88 -22.84
N TRP B 65 -7.06 9.25 -23.08
CA TRP B 65 -6.16 9.77 -24.10
C TRP B 65 -6.78 9.65 -25.49
N ASN B 66 -7.54 8.59 -25.75
CA ASN B 66 -8.12 8.48 -27.09
C ASN B 66 -9.21 9.52 -27.32
N SER B 67 -9.69 10.19 -26.27
CA SER B 67 -10.72 11.21 -26.44
C SER B 67 -10.13 12.58 -26.79
N GLN B 68 -8.80 12.72 -26.82
CA GLN B 68 -8.13 13.99 -27.06
C GLN B 68 -7.60 13.99 -28.49
N LYS B 69 -8.29 14.69 -29.38
CA LYS B 69 -7.97 14.58 -30.80
C LYS B 69 -6.59 15.15 -31.11
N ASP B 70 -6.21 16.25 -30.48
CA ASP B 70 -4.92 16.85 -30.82
C ASP B 70 -3.79 15.94 -30.36
N LEU B 71 -3.96 15.33 -29.20
CA LEU B 71 -3.01 14.33 -28.72
C LEU B 71 -2.81 13.19 -29.74
N LEU B 72 -3.91 12.61 -30.22
CA LEU B 72 -3.78 11.50 -31.17
C LEU B 72 -3.13 11.95 -32.45
N GLU B 73 -3.44 13.17 -32.91
CA GLU B 73 -2.76 13.66 -34.11
C GLU B 73 -1.27 13.79 -33.87
N GLN B 74 -0.85 14.27 -32.70
CA GLN B 74 0.59 14.43 -32.47
C GLN B 74 1.27 13.07 -32.41
N ARG B 75 0.60 12.13 -31.75
CA ARG B 75 1.18 10.81 -31.64
C ARG B 75 1.30 10.12 -32.99
N ARG B 76 0.28 10.24 -33.84
CA ARG B 76 0.33 9.60 -35.14
C ARG B 76 1.40 10.23 -36.03
N ALA B 77 1.74 11.50 -35.81
CA ALA B 77 2.81 12.14 -36.61
C ALA B 77 4.20 11.96 -36.00
N ALA B 78 4.29 11.33 -34.85
CA ALA B 78 5.59 11.23 -34.19
C ALA B 78 6.56 10.28 -34.90
N VAL B 79 6.10 9.38 -35.78
CA VAL B 79 7.09 8.62 -36.54
C VAL B 79 7.92 9.53 -37.40
N ASP B 80 7.37 10.68 -37.79
CA ASP B 80 8.16 11.69 -38.50
C ASP B 80 8.84 12.71 -37.57
N THR B 81 8.09 13.34 -36.66
CA THR B 81 8.64 14.45 -35.89
C THR B 81 9.55 13.97 -34.76
N TYR B 82 9.47 12.70 -34.38
CA TYR B 82 10.27 12.17 -33.28
C TYR B 82 11.23 11.11 -33.78
N CYS B 83 10.71 9.98 -34.29
CA CYS B 83 11.58 8.86 -34.67
C CYS B 83 12.53 9.25 -35.79
N ARG B 84 11.98 9.66 -36.94
CA ARG B 84 12.85 9.99 -38.05
C ARG B 84 13.74 11.18 -37.73
N HIS B 85 13.24 12.14 -36.92
CA HIS B 85 14.11 13.27 -36.52
C HIS B 85 15.34 12.80 -35.72
N ASN B 86 15.11 12.00 -34.69
CA ASN B 86 16.19 11.58 -33.81
C ASN B 86 17.13 10.62 -34.52
N TYR B 87 16.58 9.80 -35.42
CA TYR B 87 17.43 8.95 -36.26
C TYR B 87 18.45 9.80 -36.97
N GLY B 88 18.00 10.91 -37.55
CA GLY B 88 18.90 11.79 -38.29
C GLY B 88 19.95 12.45 -37.40
N VAL B 89 19.56 12.83 -36.19
CA VAL B 89 20.48 13.53 -35.28
C VAL B 89 21.70 12.67 -35.01
N GLY B 90 21.48 11.40 -34.77
CA GLY B 90 22.58 10.58 -34.32
C GLY B 90 23.21 9.66 -35.35
N GLU B 91 22.71 9.64 -36.60
CA GLU B 91 23.08 8.60 -37.55
C GLU B 91 24.59 8.50 -37.75
N SER B 92 25.29 9.64 -37.84
CA SER B 92 26.70 9.59 -38.20
C SER B 92 27.59 8.97 -37.11
N PHE B 93 27.16 8.95 -35.86
CA PHE B 93 28.00 8.40 -34.79
C PHE B 93 27.38 7.21 -34.10
N THR B 94 26.23 6.73 -34.60
CA THR B 94 25.61 5.51 -34.07
C THR B 94 25.48 4.47 -35.18
N VAL B 95 24.56 4.68 -36.11
CA VAL B 95 24.36 3.79 -37.26
C VAL B 95 25.65 3.56 -38.03
N GLN B 96 26.44 4.64 -38.21
CA GLN B 96 27.69 4.55 -38.97
C GLN B 96 28.90 4.20 -38.13
N ARG B 97 28.74 3.99 -36.82
CA ARG B 97 29.91 3.67 -36.00
C ARG B 97 30.49 2.30 -36.36
N ARG B 98 31.80 2.31 -36.63
CA ARG B 98 32.51 1.06 -36.94
C ARG B 98 33.84 1.12 -36.20
N VAL B 99 34.07 0.18 -35.28
CA VAL B 99 35.34 0.13 -34.55
C VAL B 99 35.95 -1.28 -34.73
N GLU B 100 37.21 -1.33 -35.23
CA GLU B 100 37.81 -2.59 -35.61
C GLU B 100 38.19 -3.43 -34.38
N PRO B 101 37.91 -4.74 -34.39
CA PRO B 101 38.37 -5.57 -33.26
C PRO B 101 39.88 -5.68 -33.14
N LYS B 102 40.32 -5.80 -31.87
CA LYS B 102 41.69 -6.24 -31.56
C LYS B 102 41.69 -7.75 -31.39
N VAL B 103 42.56 -8.44 -32.10
CA VAL B 103 42.50 -9.91 -32.16
C VAL B 103 43.81 -10.47 -31.62
N THR B 104 43.75 -11.30 -30.57
CA THR B 104 44.95 -11.94 -30.09
C THR B 104 44.70 -13.43 -29.88
N VAL B 105 45.76 -14.20 -30.07
CA VAL B 105 45.71 -15.66 -29.96
C VAL B 105 46.76 -16.09 -28.94
N TYR B 106 46.40 -17.04 -28.07
CA TYR B 106 47.38 -17.52 -27.10
C TYR B 106 46.93 -18.88 -26.63
N PRO B 107 47.85 -19.71 -26.15
CA PRO B 107 47.43 -21.00 -25.54
C PRO B 107 46.85 -20.75 -24.15
N SER B 108 45.77 -21.49 -23.83
CA SER B 108 45.18 -21.35 -22.50
C SER B 108 46.19 -21.75 -21.44
N LYS B 109 46.09 -21.09 -20.27
CA LYS B 109 46.95 -21.49 -19.16
C LYS B 109 46.57 -22.88 -18.67
N THR B 110 45.31 -23.28 -18.86
CA THR B 110 44.91 -24.63 -18.52
C THR B 110 45.14 -25.47 -19.77
N GLN B 111 45.78 -26.60 -19.59
CA GLN B 111 45.96 -27.55 -20.67
C GLN B 111 45.36 -28.84 -20.12
N PRO B 112 44.03 -28.98 -20.24
CA PRO B 112 43.32 -30.03 -19.49
C PRO B 112 43.51 -31.41 -20.03
N LEU B 113 44.15 -31.54 -21.20
CA LEU B 113 44.30 -32.80 -21.91
C LEU B 113 45.75 -32.93 -22.36
N GLN B 114 46.40 -34.02 -21.97
CA GLN B 114 47.77 -34.25 -22.43
C GLN B 114 47.75 -34.54 -23.92
N HIS B 115 48.87 -34.21 -24.58
CA HIS B 115 49.09 -34.28 -26.03
C HIS B 115 48.20 -33.32 -26.84
N HIS B 116 47.42 -32.46 -26.19
CA HIS B 116 46.55 -31.53 -26.87
C HIS B 116 46.98 -30.11 -26.50
N ASN B 117 46.58 -29.15 -27.32
CA ASN B 117 46.84 -27.74 -27.04
C ASN B 117 45.53 -26.98 -27.15
N LEU B 118 45.04 -26.47 -26.03
CA LEU B 118 43.85 -25.62 -26.02
C LEU B 118 44.24 -24.18 -26.43
N LEU B 119 43.77 -23.72 -27.59
CA LEU B 119 44.06 -22.36 -28.08
C LEU B 119 42.90 -21.40 -27.84
N VAL B 120 43.21 -20.13 -27.61
CA VAL B 120 42.25 -19.10 -27.30
C VAL B 120 42.38 -18.02 -28.36
N CYS B 121 41.25 -17.60 -28.95
CA CYS B 121 41.24 -16.40 -29.77
C CYS B 121 40.37 -15.34 -29.08
N SER B 122 40.98 -14.23 -28.69
CA SER B 122 40.26 -13.16 -28.04
C SER B 122 40.03 -12.01 -29.02
N VAL B 123 38.78 -11.57 -29.09
CA VAL B 123 38.40 -10.54 -30.04
C VAL B 123 37.72 -9.42 -29.23
N SER B 124 38.33 -8.22 -29.17
CA SER B 124 37.84 -7.24 -28.20
C SER B 124 37.74 -5.85 -28.79
N GLY B 125 36.94 -4.99 -28.11
CA GLY B 125 36.95 -3.59 -28.46
C GLY B 125 36.19 -3.20 -29.71
N PHE B 126 35.29 -4.05 -30.23
CA PHE B 126 34.72 -3.80 -31.54
C PHE B 126 33.29 -3.29 -31.47
N TYR B 127 32.82 -2.69 -32.60
CA TYR B 127 31.46 -2.17 -32.75
C TYR B 127 31.15 -2.13 -34.24
N PRO B 128 29.98 -2.56 -34.68
CA PRO B 128 28.80 -3.02 -33.88
C PRO B 128 28.98 -4.48 -33.46
N GLY B 129 27.92 -5.07 -32.89
CA GLY B 129 28.03 -6.41 -32.33
C GLY B 129 28.09 -7.54 -33.34
N SER B 130 27.58 -7.33 -34.55
N SER B 130 27.60 -7.31 -34.55
CA SER B 130 27.56 -8.42 -35.52
CA SER B 130 27.60 -8.35 -35.58
C SER B 130 28.99 -8.81 -35.89
C SER B 130 29.03 -8.79 -35.87
N ILE B 131 29.36 -10.07 -35.66
CA ILE B 131 30.73 -10.53 -35.92
C ILE B 131 30.71 -12.03 -36.13
N GLU B 132 31.71 -12.52 -36.84
CA GLU B 132 31.91 -13.95 -36.94
C GLU B 132 33.37 -14.23 -36.59
N VAL B 133 33.63 -15.18 -35.67
CA VAL B 133 34.98 -15.56 -35.25
C VAL B 133 35.12 -17.06 -35.45
N ARG B 134 36.06 -17.46 -36.32
CA ARG B 134 36.20 -18.86 -36.73
C ARG B 134 37.65 -19.32 -36.66
N TRP B 135 37.84 -20.57 -36.35
CA TRP B 135 39.17 -21.18 -36.40
C TRP B 135 39.35 -21.99 -37.68
N PHE B 136 40.55 -21.91 -38.25
CA PHE B 136 40.95 -22.71 -39.40
C PHE B 136 42.17 -23.54 -39.03
N ARG B 137 42.22 -24.74 -39.57
CA ARG B 137 43.40 -25.61 -39.54
C ARG B 137 43.88 -25.69 -40.98
N ASN B 138 45.09 -25.16 -41.26
CA ASN B 138 45.54 -25.00 -42.66
C ASN B 138 44.46 -24.25 -43.44
N GLY B 139 43.96 -24.82 -44.56
CA GLY B 139 42.89 -24.10 -45.22
C GLY B 139 41.47 -24.47 -44.83
N GLN B 140 41.28 -25.29 -43.81
CA GLN B 140 39.96 -25.89 -43.54
C GLN B 140 39.34 -25.29 -42.30
N GLU B 141 38.09 -24.81 -42.42
CA GLU B 141 37.44 -24.29 -41.21
C GLU B 141 37.20 -25.45 -40.21
N GLU B 142 37.46 -25.21 -38.92
CA GLU B 142 37.27 -26.22 -37.89
C GLU B 142 35.86 -26.13 -37.33
N LYS B 143 35.10 -27.22 -37.36
CA LYS B 143 33.83 -27.22 -36.60
C LYS B 143 33.62 -28.32 -35.55
N ALA B 144 34.66 -29.00 -35.12
CA ALA B 144 34.50 -29.84 -33.95
C ALA B 144 35.40 -29.26 -32.87
N GLY B 145 34.97 -29.35 -31.62
CA GLY B 145 35.83 -28.84 -30.55
C GLY B 145 35.99 -27.34 -30.48
N VAL B 146 35.09 -26.58 -31.07
CA VAL B 146 35.14 -25.15 -30.97
C VAL B 146 34.17 -24.74 -29.86
N VAL B 147 34.58 -23.82 -29.03
CA VAL B 147 33.71 -23.32 -27.98
C VAL B 147 33.70 -21.81 -28.09
N SER B 148 32.52 -21.20 -28.18
CA SER B 148 32.45 -19.73 -28.20
C SER B 148 31.78 -19.20 -26.93
N THR B 149 32.38 -18.20 -26.29
CA THR B 149 31.73 -17.53 -25.16
C THR B 149 30.52 -16.72 -25.57
N GLY B 150 30.30 -16.50 -26.84
CA GLY B 150 29.24 -15.61 -27.26
C GLY B 150 29.59 -14.13 -27.08
N LEU B 151 28.66 -13.31 -27.51
CA LEU B 151 28.89 -11.88 -27.67
C LEU B 151 28.67 -11.21 -26.34
N ILE B 152 29.63 -10.41 -25.89
CA ILE B 152 29.49 -9.74 -24.61
C ILE B 152 29.47 -8.23 -24.88
N GLN B 153 28.45 -7.53 -24.42
CA GLN B 153 28.37 -6.06 -24.56
C GLN B 153 29.05 -5.44 -23.33
N ASN B 154 30.07 -4.55 -23.54
CA ASN B 154 30.84 -4.00 -22.40
C ASN B 154 30.21 -2.79 -21.74
N GLY B 155 29.12 -2.24 -22.29
CA GLY B 155 28.42 -1.08 -21.74
C GLY B 155 28.96 0.24 -22.22
N ASP B 156 30.02 0.25 -23.04
CA ASP B 156 30.72 1.50 -23.43
C ASP B 156 30.85 1.61 -24.93
N TRP B 157 29.88 1.06 -25.62
CA TRP B 157 29.87 1.06 -27.08
C TRP B 157 31.00 0.21 -27.67
N THR B 158 31.38 -0.85 -26.97
CA THR B 158 32.23 -1.88 -27.55
C THR B 158 31.70 -3.23 -27.09
N PHE B 159 32.13 -4.25 -27.80
CA PHE B 159 31.83 -5.64 -27.52
C PHE B 159 33.12 -6.45 -27.42
N GLN B 160 33.01 -7.67 -26.89
CA GLN B 160 34.12 -8.62 -27.01
C GLN B 160 33.56 -10.02 -27.14
N THR B 161 34.43 -10.94 -27.56
CA THR B 161 34.07 -12.35 -27.55
C THR B 161 35.36 -13.18 -27.50
N LEU B 162 35.21 -14.45 -27.17
CA LEU B 162 36.37 -15.32 -27.06
C LEU B 162 35.98 -16.69 -27.62
N VAL B 163 36.85 -17.28 -28.45
CA VAL B 163 36.57 -18.56 -29.09
C VAL B 163 37.78 -19.47 -28.90
N MET B 164 37.56 -20.67 -28.38
CA MET B 164 38.59 -21.60 -27.96
C MET B 164 38.54 -22.84 -28.86
N LEU B 165 39.70 -23.48 -29.09
CA LEU B 165 39.79 -24.66 -29.95
C LEU B 165 40.68 -25.69 -29.24
N GLU B 166 40.21 -26.92 -28.98
CA GLU B 166 41.13 -28.01 -28.59
C GLU B 166 41.83 -28.53 -29.85
N THR B 167 43.16 -28.60 -29.84
CA THR B 167 43.90 -29.06 -31.01
C THR B 167 44.87 -30.19 -30.64
N VAL B 168 45.21 -31.03 -31.62
CA VAL B 168 46.33 -31.97 -31.53
C VAL B 168 47.35 -31.45 -32.54
N PRO B 169 48.28 -30.60 -32.15
CA PRO B 169 49.14 -29.98 -33.15
C PRO B 169 50.09 -31.02 -33.76
N ARG B 170 50.33 -30.89 -35.07
CA ARG B 170 51.24 -31.75 -35.82
C ARG B 170 52.13 -30.83 -36.65
N SER B 171 53.33 -31.34 -37.00
CA SER B 171 54.26 -30.60 -37.86
C SER B 171 53.60 -30.21 -39.18
N GLY B 172 53.82 -28.97 -39.60
CA GLY B 172 53.29 -28.50 -40.85
C GLY B 172 51.86 -28.03 -40.78
N GLU B 173 51.28 -28.02 -39.58
CA GLU B 173 49.95 -27.48 -39.37
C GLU B 173 50.00 -26.03 -38.93
N VAL B 174 49.12 -25.22 -39.50
CA VAL B 174 48.98 -23.82 -39.09
C VAL B 174 47.55 -23.58 -38.64
N TYR B 175 47.36 -22.99 -37.45
CA TYR B 175 46.02 -22.68 -36.97
C TYR B 175 45.81 -21.18 -37.04
N THR B 176 44.68 -20.75 -37.57
CA THR B 176 44.40 -19.33 -37.81
C THR B 176 43.06 -18.97 -37.20
N CYS B 177 43.01 -17.88 -36.42
CA CYS B 177 41.75 -17.29 -35.97
C CYS B 177 41.35 -16.23 -36.99
N GLN B 178 40.18 -16.38 -37.59
CA GLN B 178 39.73 -15.45 -38.65
C GLN B 178 38.47 -14.69 -38.21
N VAL B 179 38.46 -13.37 -38.42
CA VAL B 179 37.37 -12.54 -37.92
C VAL B 179 36.72 -11.79 -39.08
N GLU B 180 35.42 -11.92 -39.22
CA GLU B 180 34.63 -11.13 -40.15
C GLU B 180 33.81 -10.11 -39.36
N HIS B 181 33.87 -8.86 -39.77
CA HIS B 181 33.23 -7.79 -39.02
C HIS B 181 33.02 -6.60 -39.97
N PRO B 182 31.93 -5.82 -39.81
CA PRO B 182 31.64 -4.75 -40.79
C PRO B 182 32.71 -3.66 -40.85
N SER B 183 33.61 -3.58 -39.86
CA SER B 183 34.64 -2.54 -39.91
C SER B 183 35.76 -2.84 -40.90
N VAL B 184 35.85 -4.06 -41.43
CA VAL B 184 36.93 -4.38 -42.36
C VAL B 184 36.32 -5.04 -43.60
N THR B 185 36.96 -4.81 -44.74
CA THR B 185 36.50 -5.41 -45.98
C THR B 185 37.19 -6.74 -46.28
N SER B 186 38.36 -7.00 -45.70
CA SER B 186 39.02 -8.30 -45.73
C SER B 186 39.06 -8.83 -44.31
N PRO B 187 38.88 -10.13 -44.11
CA PRO B 187 38.87 -10.64 -42.72
C PRO B 187 40.21 -10.37 -42.03
N LEU B 188 40.13 -10.15 -40.72
CA LEU B 188 41.36 -10.11 -39.91
C LEU B 188 41.78 -11.54 -39.59
N THR B 189 43.08 -11.81 -39.60
CA THR B 189 43.55 -13.16 -39.29
C THR B 189 44.75 -13.09 -38.36
N VAL B 190 44.80 -14.01 -37.38
CA VAL B 190 45.96 -14.12 -36.51
C VAL B 190 46.33 -15.59 -36.42
N GLU B 191 47.60 -15.89 -36.66
CA GLU B 191 48.00 -17.27 -36.83
C GLU B 191 48.76 -17.74 -35.59
N TRP B 192 48.56 -19.01 -35.23
CA TRP B 192 49.41 -19.79 -34.33
C TRP B 192 50.08 -20.94 -35.13
N ARG B 193 51.41 -20.95 -35.16
CA ARG B 193 52.11 -21.99 -35.94
C ARG B 193 52.55 -23.15 -35.03
N ALA B 194 52.05 -24.35 -35.32
CA ALA B 194 52.35 -25.54 -34.51
C ALA B 194 53.83 -25.91 -34.53
N PRO C 1 22.21 19.87 -34.30
CA PRO C 1 21.27 18.75 -34.23
C PRO C 1 20.85 18.40 -32.81
N LYS C 2 19.54 18.50 -32.57
CA LYS C 2 18.99 18.42 -31.22
C LYS C 2 18.07 17.23 -31.12
N TYR C 3 18.31 16.39 -30.12
CA TYR C 3 17.34 15.33 -29.80
C TYR C 3 16.04 15.95 -29.31
N VAL C 4 14.90 15.37 -29.73
CA VAL C 4 13.58 15.80 -29.26
C VAL C 4 13.00 14.69 -28.41
N LYS C 5 12.34 15.06 -27.30
CA LYS C 5 11.75 14.00 -26.50
C LYS C 5 10.26 13.92 -26.79
N GLN C 6 9.65 12.77 -26.52
CA GLN C 6 8.20 12.67 -26.43
C GLN C 6 7.76 13.14 -25.06
N ASN C 7 6.68 13.96 -25.00
CA ASN C 7 6.18 14.45 -23.71
C ASN C 7 5.42 13.34 -22.98
N THR C 8 5.54 13.29 -21.65
CA THR C 8 4.73 12.33 -20.89
C THR C 8 3.40 12.97 -20.55
N LEU C 9 2.33 12.19 -20.71
CA LEU C 9 0.96 12.61 -20.51
C LEU C 9 0.53 12.32 -19.09
N LYS C 10 -0.40 13.16 -18.58
CA LYS C 10 -1.02 12.91 -17.28
C LYS C 10 -2.01 11.76 -17.41
N LEU C 11 -1.91 10.78 -16.48
CA LEU C 11 -2.92 9.71 -16.37
C LEU C 11 -4.29 10.26 -16.02
N ALA C 12 -5.32 9.46 -16.30
CA ALA C 12 -6.69 9.77 -15.92
C ALA C 12 -6.85 9.71 -14.40
N THR C 13 -7.72 10.60 -13.90
CA THR C 13 -8.07 10.68 -12.50
C THR C 13 -9.57 10.76 -12.37
N GLU D 7 -20.76 12.46 40.72
CA GLU D 7 -21.31 12.12 39.42
C GLU D 7 -20.31 12.37 38.29
N GLU D 8 -20.33 11.51 37.27
CA GLU D 8 -19.29 11.48 36.26
C GLU D 8 -19.89 11.18 34.87
N HIS D 9 -19.46 11.93 33.85
CA HIS D 9 -20.00 11.77 32.51
C HIS D 9 -18.89 11.97 31.49
N VAL D 10 -19.11 11.43 30.30
CA VAL D 10 -18.16 11.60 29.21
C VAL D 10 -18.92 11.90 27.92
N ILE D 11 -18.54 13.00 27.21
CA ILE D 11 -19.05 13.34 25.87
C ILE D 11 -17.90 13.11 24.88
N ILE D 12 -18.16 12.37 23.81
CA ILE D 12 -17.11 12.11 22.80
C ILE D 12 -17.59 12.60 21.44
N GLN D 13 -16.75 13.42 20.77
CA GLN D 13 -16.92 13.69 19.35
C GLN D 13 -16.05 12.65 18.63
N ALA D 14 -16.66 11.74 17.86
CA ALA D 14 -15.97 10.63 17.21
C ALA D 14 -16.13 10.73 15.72
N GLU D 15 -15.00 10.64 14.99
CA GLU D 15 -15.06 10.72 13.52
C GLU D 15 -14.16 9.66 12.94
N PHE D 16 -14.48 9.28 11.70
CA PHE D 16 -13.54 8.38 11.05
C PHE D 16 -13.61 8.60 9.55
N TYR D 17 -12.56 8.11 8.90
CA TYR D 17 -12.57 8.00 7.44
C TYR D 17 -11.92 6.68 7.05
N LEU D 18 -12.49 6.01 6.03
CA LEU D 18 -12.05 4.67 5.66
C LEU D 18 -11.83 4.58 4.16
N ASN D 19 -10.63 4.12 3.76
CA ASN D 19 -10.27 3.85 2.35
C ASN D 19 -10.07 2.37 2.15
N PRO D 20 -10.35 1.83 0.92
CA PRO D 20 -10.78 2.57 -0.27
C PRO D 20 -12.27 2.88 -0.38
N ASP D 21 -13.02 2.61 0.69
CA ASP D 21 -14.47 2.78 0.63
C ASP D 21 -14.90 4.22 0.46
N GLN D 22 -14.05 5.17 0.84
CA GLN D 22 -14.40 6.60 0.86
C GLN D 22 -15.62 6.84 1.76
N SER D 23 -15.55 6.26 2.94
CA SER D 23 -16.67 6.29 3.89
CA SER D 23 -16.66 6.27 3.89
C SER D 23 -16.26 7.08 5.11
N GLY D 24 -17.07 8.08 5.49
CA GLY D 24 -16.75 8.92 6.64
C GLY D 24 -17.93 8.95 7.60
N GLU D 25 -17.63 9.30 8.85
CA GLU D 25 -18.66 9.35 9.86
C GLU D 25 -18.27 10.41 10.88
N PHE D 26 -19.29 11.09 11.42
CA PHE D 26 -19.09 12.12 12.44
C PHE D 26 -20.24 12.04 13.43
N MET D 27 -19.96 11.86 14.72
CA MET D 27 -21.07 11.70 15.67
CA MET D 27 -21.07 11.72 15.67
C MET D 27 -20.62 12.19 17.04
N PHE D 28 -21.61 12.47 17.91
CA PHE D 28 -21.34 12.80 19.32
C PHE D 28 -22.01 11.70 20.16
N ASP D 29 -21.34 11.27 21.23
CA ASP D 29 -21.78 10.20 22.13
C ASP D 29 -21.80 10.79 23.55
N PHE D 30 -22.82 10.45 24.33
CA PHE D 30 -22.89 10.82 25.74
C PHE D 30 -23.04 9.51 26.52
N ASP D 31 -22.07 9.22 27.40
CA ASP D 31 -22.09 7.98 28.23
C ASP D 31 -22.44 6.73 27.42
N GLY D 32 -21.95 6.64 26.18
CA GLY D 32 -22.19 5.45 25.35
C GLY D 32 -23.45 5.49 24.47
N ASP D 33 -24.27 6.51 24.57
CA ASP D 33 -25.42 6.66 23.68
C ASP D 33 -25.19 7.80 22.69
N GLU D 34 -25.71 7.62 21.50
CA GLU D 34 -25.46 8.59 20.43
C GLU D 34 -26.37 9.83 20.60
N ILE D 35 -25.80 11.04 20.61
CA ILE D 35 -26.65 12.22 20.60
C ILE D 35 -27.12 12.49 19.20
N PHE D 36 -26.17 12.58 18.26
CA PHE D 36 -26.51 12.81 16.85
C PHE D 36 -25.38 12.32 15.98
N HIS D 37 -25.67 12.21 14.67
CA HIS D 37 -24.57 12.07 13.72
C HIS D 37 -24.87 12.97 12.53
N VAL D 38 -23.90 13.13 11.62
CA VAL D 38 -24.18 13.89 10.39
C VAL D 38 -24.25 12.92 9.23
N ASP D 39 -25.39 12.94 8.53
CA ASP D 39 -25.57 12.17 7.30
C ASP D 39 -24.72 12.81 6.20
N MET D 40 -23.74 12.03 5.66
CA MET D 40 -22.72 12.57 4.75
C MET D 40 -23.30 12.77 3.37
N ALA D 41 -24.31 11.98 3.02
CA ALA D 41 -24.94 12.15 1.72
C ALA D 41 -25.94 13.32 1.71
N LYS D 42 -26.78 13.43 2.72
CA LYS D 42 -27.73 14.55 2.76
C LYS D 42 -27.14 15.79 3.39
N LYS D 43 -25.93 15.68 3.95
CA LYS D 43 -25.27 16.79 4.62
C LYS D 43 -26.17 17.39 5.68
N GLU D 44 -26.74 16.54 6.53
CA GLU D 44 -27.60 17.09 7.57
C GLU D 44 -27.41 16.40 8.92
N THR D 45 -27.72 17.15 10.00
CA THR D 45 -27.67 16.63 11.35
C THR D 45 -28.86 15.71 11.61
N VAL D 46 -28.61 14.52 12.12
CA VAL D 46 -29.64 13.51 12.37
C VAL D 46 -29.60 13.20 13.87
N TRP D 47 -30.67 13.55 14.57
CA TRP D 47 -30.67 13.38 16.02
C TRP D 47 -31.12 11.96 16.38
N ARG D 48 -30.52 11.40 17.43
CA ARG D 48 -30.80 9.98 17.72
C ARG D 48 -32.21 9.82 18.24
N LEU D 49 -32.61 10.71 19.15
CA LEU D 49 -34.01 10.84 19.52
C LEU D 49 -34.53 12.12 18.89
N GLU D 50 -35.73 12.05 18.31
CA GLU D 50 -36.16 13.18 17.50
C GLU D 50 -36.30 14.47 18.32
N GLU D 51 -36.73 14.37 19.59
CA GLU D 51 -36.87 15.59 20.40
C GLU D 51 -35.58 16.36 20.66
N PHE D 52 -34.41 15.71 20.61
CA PHE D 52 -33.14 16.42 20.82
C PHE D 52 -33.02 17.61 19.88
N GLY D 53 -33.51 17.46 18.65
CA GLY D 53 -33.40 18.54 17.68
C GLY D 53 -34.29 19.71 17.99
N ARG D 54 -35.22 19.56 18.91
CA ARG D 54 -35.95 20.73 19.37
C ARG D 54 -35.21 21.50 20.45
N PHE D 55 -34.23 20.86 21.09
CA PHE D 55 -33.52 21.45 22.24
C PHE D 55 -32.13 21.98 21.89
N ALA D 56 -31.53 21.51 20.81
CA ALA D 56 -30.14 21.86 20.51
C ALA D 56 -29.98 21.83 19.00
N SER D 57 -28.87 22.38 18.51
CA SER D 57 -28.62 22.35 17.06
C SER D 57 -27.15 22.03 16.82
N PHE D 58 -26.84 21.61 15.60
CA PHE D 58 -25.46 21.43 15.21
C PHE D 58 -25.35 21.76 13.74
N GLU D 59 -24.39 22.64 13.40
CA GLU D 59 -24.18 23.01 12.00
C GLU D 59 -23.41 21.89 11.25
N ALA D 60 -24.11 21.18 10.38
CA ALA D 60 -23.55 19.98 9.76
C ALA D 60 -22.34 20.32 8.85
N GLN D 61 -22.28 21.52 8.30
CA GLN D 61 -21.12 21.82 7.43
C GLN D 61 -19.80 21.69 8.17
N GLY D 62 -19.80 21.96 9.49
CA GLY D 62 -18.57 21.78 10.25
C GLY D 62 -18.07 20.34 10.24
N ALA D 63 -19.01 19.37 10.39
CA ALA D 63 -18.62 17.97 10.27
C ALA D 63 -18.05 17.70 8.90
N LEU D 64 -18.68 18.26 7.86
CA LEU D 64 -18.16 17.97 6.51
C LEU D 64 -16.74 18.50 6.32
N ALA D 65 -16.47 19.71 6.86
CA ALA D 65 -15.12 20.27 6.76
C ALA D 65 -14.10 19.37 7.48
N ASN D 66 -14.51 18.86 8.67
CA ASN D 66 -13.64 17.95 9.41
C ASN D 66 -13.37 16.68 8.62
N ILE D 67 -14.40 16.14 7.95
CA ILE D 67 -14.22 14.91 7.23
C ILE D 67 -13.25 15.10 6.06
N ALA D 68 -13.27 16.27 5.43
CA ALA D 68 -12.34 16.50 4.32
C ALA D 68 -10.88 16.46 4.80
N VAL D 69 -10.64 17.06 5.96
CA VAL D 69 -9.29 16.98 6.54
C VAL D 69 -8.97 15.54 6.98
N ASP D 70 -9.91 14.84 7.60
CA ASP D 70 -9.70 13.45 7.97
C ASP D 70 -9.31 12.59 6.77
N LYS D 71 -9.97 12.81 5.62
CA LYS D 71 -9.64 12.04 4.42
C LYS D 71 -8.19 12.30 3.98
N ALA D 72 -7.81 13.59 3.91
CA ALA D 72 -6.42 13.94 3.58
C ALA D 72 -5.43 13.34 4.59
N ASN D 73 -5.74 13.41 5.89
CA ASN D 73 -4.83 12.85 6.88
C ASN D 73 -4.72 11.33 6.76
N LEU D 74 -5.84 10.65 6.43
CA LEU D 74 -5.75 9.20 6.29
C LEU D 74 -4.74 8.85 5.21
N GLU D 75 -4.74 9.60 4.13
CA GLU D 75 -3.78 9.30 3.06
C GLU D 75 -2.34 9.52 3.55
N ILE D 76 -2.14 10.57 4.36
CA ILE D 76 -0.81 10.80 4.93
C ILE D 76 -0.39 9.64 5.84
N MET D 77 -1.26 9.22 6.75
CA MET D 77 -0.93 8.06 7.62
C MET D 77 -0.77 6.77 6.84
N THR D 78 -1.55 6.55 5.79
CA THR D 78 -1.39 5.32 5.02
C THR D 78 0.02 5.24 4.47
N LYS D 79 0.49 6.35 3.89
CA LYS D 79 1.85 6.37 3.37
C LYS D 79 2.89 6.29 4.49
N ARG D 80 2.66 7.03 5.59
CA ARG D 80 3.67 7.08 6.63
C ARG D 80 3.83 5.70 7.30
N SER D 81 2.77 4.87 7.28
CA SER D 81 2.84 3.53 7.86
C SER D 81 3.40 2.49 6.88
N ASN D 82 3.92 2.93 5.74
CA ASN D 82 4.30 2.03 4.65
C ASN D 82 3.15 1.11 4.23
N TYR D 83 1.97 1.72 4.13
CA TYR D 83 0.76 1.06 3.55
C TYR D 83 0.35 -0.17 4.35
N THR D 84 0.43 -0.06 5.67
CA THR D 84 0.01 -1.17 6.54
C THR D 84 -1.51 -1.15 6.71
N PRO D 85 -2.23 -2.19 6.33
CA PRO D 85 -3.70 -2.14 6.40
C PRO D 85 -4.19 -2.58 7.78
N ILE D 86 -5.48 -2.38 7.98
CA ILE D 86 -6.09 -2.78 9.23
C ILE D 86 -6.21 -4.30 9.28
N THR D 87 -6.09 -4.85 10.49
CA THR D 87 -6.34 -6.26 10.72
C THR D 87 -7.84 -6.40 11.03
N ASN D 88 -8.56 -7.22 10.26
CA ASN D 88 -9.98 -7.43 10.53
C ASN D 88 -10.18 -8.07 11.90
N VAL D 89 -11.15 -7.55 12.66
CA VAL D 89 -11.59 -8.14 13.92
C VAL D 89 -13.07 -8.44 13.77
N PRO D 90 -13.47 -9.71 13.79
CA PRO D 90 -14.90 -10.06 13.50
C PRO D 90 -15.77 -9.65 14.65
N PRO D 91 -17.07 -9.43 14.41
CA PRO D 91 -17.99 -9.03 15.48
C PRO D 91 -18.48 -10.21 16.31
N GLU D 92 -18.91 -9.87 17.51
CA GLU D 92 -19.76 -10.72 18.37
C GLU D 92 -21.19 -10.25 18.22
N VAL D 93 -22.14 -11.17 18.12
CA VAL D 93 -23.52 -10.75 17.79
C VAL D 93 -24.46 -11.33 18.82
N THR D 94 -25.39 -10.51 19.29
CA THR D 94 -26.42 -10.91 20.27
C THR D 94 -27.79 -10.51 19.71
N VAL D 95 -28.83 -11.35 19.89
CA VAL D 95 -30.19 -10.94 19.54
C VAL D 95 -31.03 -10.96 20.80
N LEU D 96 -31.80 -9.90 21.00
CA LEU D 96 -32.70 -9.85 22.15
C LEU D 96 -33.93 -9.05 21.73
N THR D 97 -34.95 -9.01 22.57
CA THR D 97 -36.10 -8.16 22.32
C THR D 97 -36.09 -6.95 23.25
N ASN D 98 -36.85 -5.92 22.89
CA ASN D 98 -36.95 -4.71 23.71
C ASN D 98 -37.52 -5.00 25.10
N SER D 99 -38.39 -5.98 25.21
CA SER D 99 -39.01 -6.31 26.48
C SER D 99 -39.57 -7.72 26.35
N PRO D 100 -40.00 -8.33 27.45
CA PRO D 100 -40.66 -9.63 27.36
C PRO D 100 -41.79 -9.61 26.34
N VAL D 101 -41.86 -10.66 25.56
CA VAL D 101 -42.75 -10.75 24.41
C VAL D 101 -44.07 -11.39 24.82
N GLU D 102 -45.16 -10.85 24.31
CA GLU D 102 -46.50 -11.39 24.54
C GLU D 102 -47.12 -11.56 23.17
N LEU D 103 -47.80 -12.69 22.94
CA LEU D 103 -48.42 -12.92 21.63
C LEU D 103 -49.31 -11.78 21.22
N ARG D 104 -49.12 -11.32 19.97
CA ARG D 104 -49.96 -10.28 19.37
C ARG D 104 -49.85 -8.92 20.07
N GLU D 105 -48.77 -8.68 20.84
CA GLU D 105 -48.42 -7.38 21.39
C GLU D 105 -47.16 -6.89 20.71
N PRO D 106 -47.21 -5.81 19.93
CA PRO D 106 -46.05 -5.40 19.15
C PRO D 106 -44.80 -5.21 20.01
N ASN D 107 -43.68 -5.64 19.46
CA ASN D 107 -42.39 -5.59 20.16
C ASN D 107 -41.32 -5.29 19.15
N VAL D 108 -40.06 -5.34 19.58
CA VAL D 108 -38.93 -5.03 18.69
C VAL D 108 -37.80 -6.01 18.92
N LEU D 109 -37.31 -6.61 17.84
CA LEU D 109 -36.10 -7.39 17.89
C LEU D 109 -34.88 -6.50 17.70
N ILE D 110 -33.85 -6.74 18.50
CA ILE D 110 -32.59 -5.99 18.46
C ILE D 110 -31.44 -6.94 18.12
N CYS D 111 -30.66 -6.59 17.09
CA CYS D 111 -29.44 -7.31 16.75
C CYS D 111 -28.29 -6.37 17.10
N PHE D 112 -27.53 -6.76 18.11
CA PHE D 112 -26.42 -5.99 18.62
C PHE D 112 -25.11 -6.57 18.10
N ILE D 113 -24.37 -5.77 17.32
CA ILE D 113 -23.13 -6.20 16.67
C ILE D 113 -21.98 -5.46 17.36
N ASP D 114 -21.03 -6.21 17.93
CA ASP D 114 -20.09 -5.58 18.87
C ASP D 114 -18.65 -5.99 18.55
N LYS D 115 -17.69 -5.13 18.92
CA LYS D 115 -16.28 -5.49 19.02
C LYS D 115 -15.66 -5.83 17.66
N PHE D 116 -15.90 -4.99 16.63
CA PHE D 116 -15.43 -5.31 15.28
C PHE D 116 -14.75 -4.10 14.64
N THR D 117 -13.89 -4.40 13.66
CA THR D 117 -13.34 -3.35 12.82
C THR D 117 -12.82 -4.06 11.56
N PRO D 118 -12.77 -3.37 10.42
CA PRO D 118 -13.19 -2.00 10.14
C PRO D 118 -14.72 -1.81 10.17
N PRO D 119 -15.19 -0.56 10.11
CA PRO D 119 -16.59 -0.23 10.27
C PRO D 119 -17.37 -0.41 8.98
N VAL D 120 -17.47 -1.68 8.57
CA VAL D 120 -18.26 -2.13 7.42
C VAL D 120 -18.85 -3.43 7.88
N VAL D 121 -20.17 -3.54 7.84
CA VAL D 121 -20.78 -4.82 8.27
C VAL D 121 -22.11 -4.97 7.54
N ASN D 122 -22.45 -6.21 7.15
CA ASN D 122 -23.70 -6.44 6.47
C ASN D 122 -24.64 -7.23 7.39
N VAL D 123 -25.86 -6.73 7.60
CA VAL D 123 -26.80 -7.31 8.57
C VAL D 123 -28.13 -7.54 7.86
N THR D 124 -28.65 -8.78 7.90
CA THR D 124 -29.94 -9.10 7.29
C THR D 124 -30.82 -9.75 8.35
N TRP D 125 -32.05 -9.27 8.50
CA TRP D 125 -33.03 -10.04 9.26
C TRP D 125 -33.68 -11.09 8.37
N LEU D 126 -33.89 -12.29 8.91
CA LEU D 126 -34.59 -13.37 8.22
C LEU D 126 -35.79 -13.78 9.06
N ARG D 127 -36.98 -13.91 8.43
CA ARG D 127 -38.18 -14.44 9.07
C ARG D 127 -38.49 -15.76 8.40
N ASN D 128 -38.52 -16.84 9.18
CA ASN D 128 -38.66 -18.18 8.61
C ASN D 128 -37.68 -18.37 7.45
N GLY D 129 -36.45 -17.91 7.65
CA GLY D 129 -35.40 -18.07 6.65
C GLY D 129 -35.47 -17.13 5.46
N LYS D 130 -36.49 -16.24 5.36
CA LYS D 130 -36.57 -15.31 4.23
C LYS D 130 -36.22 -13.88 4.65
N PRO D 131 -35.47 -13.12 3.84
CA PRO D 131 -35.11 -11.76 4.25
C PRO D 131 -36.32 -10.87 4.41
N VAL D 132 -36.31 -10.09 5.48
CA VAL D 132 -37.39 -9.16 5.77
C VAL D 132 -36.79 -7.77 5.94
N THR D 133 -37.39 -6.78 5.27
CA THR D 133 -36.97 -5.40 5.46
C THR D 133 -38.11 -4.48 5.93
N THR D 134 -39.29 -5.00 6.14
CA THR D 134 -40.43 -4.17 6.47
C THR D 134 -40.11 -3.44 7.75
N GLY D 135 -39.90 -2.13 7.66
CA GLY D 135 -39.78 -1.36 8.88
C GLY D 135 -38.48 -1.53 9.66
N VAL D 136 -37.41 -2.06 9.06
CA VAL D 136 -36.14 -2.16 9.79
C VAL D 136 -35.48 -0.79 9.96
N SER D 137 -34.68 -0.62 11.01
CA SER D 137 -33.85 0.58 11.18
C SER D 137 -32.52 0.18 11.81
N GLU D 138 -31.55 1.11 11.77
CA GLU D 138 -30.24 0.75 12.28
C GLU D 138 -29.50 2.00 12.75
N THR D 139 -28.50 1.79 13.59
CA THR D 139 -27.65 2.94 13.98
C THR D 139 -26.45 3.06 13.06
N VAL D 140 -25.73 4.20 13.20
CA VAL D 140 -24.40 4.27 12.58
C VAL D 140 -23.42 3.49 13.47
N PHE D 141 -22.13 3.55 13.14
CA PHE D 141 -21.08 2.80 13.84
C PHE D 141 -20.71 3.56 15.11
N LEU D 142 -20.91 2.95 16.25
CA LEU D 142 -20.66 3.65 17.52
C LEU D 142 -19.26 3.30 18.08
N PRO D 143 -18.57 4.20 18.75
CA PRO D 143 -17.18 3.93 19.16
C PRO D 143 -17.09 3.08 20.41
N ARG D 144 -15.93 2.42 20.58
CA ARG D 144 -15.58 1.70 21.82
C ARG D 144 -14.22 2.21 22.30
N GLU D 145 -13.96 2.08 23.62
CA GLU D 145 -12.66 2.48 24.15
C GLU D 145 -11.48 1.69 23.59
N ASP D 146 -11.69 0.48 23.05
CA ASP D 146 -10.59 -0.23 22.42
C ASP D 146 -10.47 0.08 20.93
N HIS D 147 -11.21 1.07 20.46
CA HIS D 147 -11.19 1.61 19.09
C HIS D 147 -11.82 0.68 18.09
N LEU D 148 -12.52 -0.39 18.54
CA LEU D 148 -13.42 -1.18 17.72
C LEU D 148 -14.76 -0.45 17.69
N PHE D 149 -15.79 -1.06 17.11
CA PHE D 149 -17.07 -0.43 16.89
C PHE D 149 -18.21 -1.31 17.39
N ARG D 150 -19.38 -0.67 17.57
CA ARG D 150 -20.64 -1.29 17.94
C ARG D 150 -21.70 -0.81 16.96
N LYS D 151 -22.79 -1.57 16.81
CA LYS D 151 -23.87 -1.14 15.94
C LYS D 151 -25.16 -1.86 16.39
N PHE D 152 -26.31 -1.24 16.15
CA PHE D 152 -27.60 -1.88 16.48
C PHE D 152 -28.47 -1.89 15.22
N HIS D 153 -29.18 -3.01 14.99
CA HIS D 153 -30.23 -3.08 14.01
C HIS D 153 -31.53 -3.51 14.67
N TYR D 154 -32.65 -2.94 14.24
CA TYR D 154 -33.93 -3.13 14.90
C TYR D 154 -34.97 -3.63 13.92
N LEU D 155 -35.85 -4.52 14.40
CA LEU D 155 -36.98 -4.99 13.60
C LEU D 155 -38.27 -5.02 14.42
N PRO D 156 -39.18 -4.08 14.21
CA PRO D 156 -40.49 -4.20 14.87
C PRO D 156 -41.21 -5.42 14.36
N PHE D 157 -41.95 -6.07 15.25
CA PHE D 157 -42.62 -7.29 14.82
C PHE D 157 -43.80 -7.55 15.72
N LEU D 158 -44.72 -8.36 15.20
CA LEU D 158 -45.91 -8.80 15.90
C LEU D 158 -45.68 -10.22 16.35
N PRO D 159 -45.51 -10.50 17.64
CA PRO D 159 -45.12 -11.84 18.08
C PRO D 159 -46.15 -12.91 17.74
N SER D 160 -45.65 -14.09 17.37
CA SER D 160 -46.53 -15.16 16.90
C SER D 160 -45.88 -16.49 17.27
N THR D 161 -46.68 -17.54 17.35
CA THR D 161 -46.08 -18.85 17.53
C THR D 161 -45.55 -19.46 16.23
N GLU D 162 -45.87 -18.88 15.07
CA GLU D 162 -45.54 -19.51 13.80
C GLU D 162 -44.28 -18.98 13.14
N ASP D 163 -43.68 -17.92 13.68
CA ASP D 163 -42.55 -17.23 13.05
C ASP D 163 -41.31 -17.40 13.89
N VAL D 164 -40.18 -17.61 13.23
CA VAL D 164 -38.87 -17.64 13.87
C VAL D 164 -38.02 -16.61 13.15
N TYR D 165 -37.02 -16.08 13.83
CA TYR D 165 -36.22 -15.01 13.24
C TYR D 165 -34.74 -15.30 13.38
N ASP D 166 -33.93 -14.75 12.47
CA ASP D 166 -32.48 -14.83 12.61
C ASP D 166 -31.90 -13.48 12.20
N CYS D 167 -30.85 -13.05 12.88
CA CYS D 167 -30.03 -11.93 12.44
C CYS D 167 -28.77 -12.54 11.82
N ARG D 168 -28.50 -12.26 10.51
CA ARG D 168 -27.35 -12.80 9.80
C ARG D 168 -26.34 -11.68 9.63
N VAL D 169 -25.11 -11.90 10.09
CA VAL D 169 -24.10 -10.84 10.05
C VAL D 169 -22.91 -11.30 9.23
N GLU D 170 -22.47 -10.45 8.32
CA GLU D 170 -21.31 -10.77 7.49
C GLU D 170 -20.27 -9.63 7.67
N HIS D 171 -18.99 -10.00 7.65
CA HIS D 171 -17.87 -9.11 7.96
C HIS D 171 -16.58 -9.73 7.42
N TRP D 172 -15.64 -8.89 6.95
CA TRP D 172 -14.40 -9.44 6.39
C TRP D 172 -13.61 -10.32 7.34
N GLY D 173 -13.82 -10.19 8.66
CA GLY D 173 -13.13 -11.07 9.56
C GLY D 173 -13.83 -12.38 9.84
N LEU D 174 -15.00 -12.60 9.22
CA LEU D 174 -15.73 -13.86 9.42
C LEU D 174 -15.58 -14.78 8.20
N ASP D 175 -15.21 -16.04 8.43
CA ASP D 175 -15.12 -17.03 7.35
C ASP D 175 -16.50 -17.36 6.79
N GLU D 176 -17.47 -17.45 7.67
CA GLU D 176 -18.83 -17.85 7.37
C GLU D 176 -19.72 -16.79 8.01
N PRO D 177 -20.91 -16.55 7.48
CA PRO D 177 -21.81 -15.60 8.14
C PRO D 177 -22.21 -16.12 9.51
N LEU D 178 -22.39 -15.18 10.43
CA LEU D 178 -22.91 -15.53 11.75
C LEU D 178 -24.44 -15.48 11.70
N LEU D 179 -25.09 -16.42 12.35
CA LEU D 179 -26.55 -16.53 12.41
C LEU D 179 -26.96 -16.60 13.87
N LYS D 180 -27.70 -15.61 14.36
CA LYS D 180 -28.21 -15.69 15.73
C LYS D 180 -29.74 -15.76 15.68
N HIS D 181 -30.30 -16.68 16.43
CA HIS D 181 -31.70 -17.11 16.33
C HIS D 181 -32.58 -16.48 17.43
N TRP D 182 -33.85 -16.21 17.10
CA TRP D 182 -34.82 -15.89 18.15
C TRP D 182 -36.17 -16.51 17.81
N GLU D 183 -36.81 -17.07 18.85
CA GLU D 183 -38.08 -17.76 18.74
C GLU D 183 -38.92 -17.44 19.98
N PHE D 184 -40.23 -17.37 19.82
CA PHE D 184 -41.09 -17.17 20.98
C PHE D 184 -40.93 -18.32 21.97
N ASP D 185 -40.69 -17.98 23.23
CA ASP D 185 -40.48 -18.99 24.26
C ASP D 185 -41.81 -19.40 24.87
N MET E 1 -13.18 -17.26 0.48
CA MET E 1 -14.27 -18.00 1.11
C MET E 1 -14.70 -17.27 2.37
N GLY E 2 -14.57 -15.96 2.36
CA GLY E 2 -15.07 -15.15 3.45
C GLY E 2 -16.57 -15.01 3.37
N SER E 3 -17.11 -14.22 4.29
CA SER E 3 -18.55 -14.05 4.31
C SER E 3 -18.99 -12.84 3.47
N MET E 4 -18.04 -12.09 2.92
CA MET E 4 -18.30 -10.86 2.16
C MET E 4 -17.23 -10.71 1.09
N GLY E 5 -17.60 -10.12 -0.05
CA GLY E 5 -16.69 -9.93 -1.16
C GLY E 5 -15.91 -8.63 -0.97
N ASP E 6 -15.18 -8.27 -2.02
CA ASP E 6 -14.30 -7.08 -2.07
C ASP E 6 -13.29 -7.09 -0.93
N THR E 7 -12.34 -8.00 -1.03
CA THR E 7 -11.38 -8.15 0.06
C THR E 7 -10.13 -7.28 -0.12
N ARG E 8 -10.23 -6.12 -0.80
CA ARG E 8 -9.08 -5.21 -0.81
C ARG E 8 -8.72 -4.82 0.63
N PRO E 9 -7.45 -4.71 0.97
CA PRO E 9 -7.10 -4.17 2.30
C PRO E 9 -7.71 -2.80 2.55
N ARG E 10 -7.97 -2.52 3.82
CA ARG E 10 -8.60 -1.28 4.24
C ARG E 10 -7.66 -0.50 5.13
N PHE E 11 -7.91 0.80 5.15
CA PHE E 11 -7.08 1.75 5.92
C PHE E 11 -8.02 2.69 6.64
N LEU E 12 -7.87 2.79 7.96
CA LEU E 12 -8.82 3.50 8.81
C LEU E 12 -8.16 4.59 9.67
N TRP E 13 -8.79 5.75 9.71
CA TRP E 13 -8.32 6.85 10.56
C TRP E 13 -9.47 7.34 11.43
N GLN E 14 -9.24 7.42 12.76
CA GLN E 14 -10.31 7.79 13.68
C GLN E 14 -9.79 8.94 14.52
N LEU E 15 -10.71 9.85 14.88
CA LEU E 15 -10.38 10.94 15.80
C LEU E 15 -11.41 10.92 16.92
N LYS E 16 -10.94 11.04 18.14
CA LYS E 16 -11.85 11.06 19.29
C LYS E 16 -11.51 12.26 20.13
N PHE E 17 -12.48 13.14 20.34
CA PHE E 17 -12.28 14.23 21.30
C PHE E 17 -13.17 13.92 22.50
N GLU E 18 -12.57 13.60 23.67
CA GLU E 18 -13.32 13.14 24.83
C GLU E 18 -13.31 14.21 25.92
N CYS E 19 -14.49 14.57 26.39
CA CYS E 19 -14.66 15.50 27.50
C CYS E 19 -15.11 14.70 28.69
N HIS E 20 -14.27 14.66 29.74
CA HIS E 20 -14.53 13.91 30.97
C HIS E 20 -14.90 14.89 32.06
N PHE E 21 -16.06 14.67 32.69
CA PHE E 21 -16.62 15.59 33.67
C PHE E 21 -16.71 14.92 35.03
N PHE E 22 -16.28 15.65 36.05
CA PHE E 22 -16.27 15.19 37.44
C PHE E 22 -17.01 16.22 38.27
N ASN E 23 -18.03 15.76 39.03
CA ASN E 23 -18.78 16.63 39.97
C ASN E 23 -19.41 17.83 39.24
N GLY E 24 -20.38 17.51 38.37
CA GLY E 24 -20.91 18.51 37.47
C GLY E 24 -19.86 18.93 36.47
N THR E 25 -19.49 20.21 36.42
CA THR E 25 -18.35 20.64 35.63
C THR E 25 -17.24 21.19 36.51
N GLU E 26 -17.20 20.77 37.77
CA GLU E 26 -16.15 21.27 38.67
C GLU E 26 -14.77 20.87 38.17
N ARG E 27 -14.61 19.64 37.72
CA ARG E 27 -13.33 19.26 37.13
C ARG E 27 -13.60 18.69 35.74
N VAL E 28 -12.79 19.09 34.76
CA VAL E 28 -13.00 18.67 33.37
C VAL E 28 -11.64 18.31 32.82
N ARG E 29 -11.58 17.20 32.10
CA ARG E 29 -10.38 16.77 31.41
C ARG E 29 -10.72 16.49 29.94
N LEU E 30 -10.00 17.16 29.03
CA LEU E 30 -10.17 16.93 27.60
C LEU E 30 -9.07 15.97 27.15
N LEU E 31 -9.45 14.94 26.42
CA LEU E 31 -8.48 14.00 25.88
C LEU E 31 -8.76 13.84 24.39
N GLU E 32 -7.85 14.32 23.53
CA GLU E 32 -8.01 14.16 22.07
C GLU E 32 -7.10 13.04 21.60
N ARG E 33 -7.60 12.15 20.76
CA ARG E 33 -6.87 10.96 20.38
C ARG E 33 -6.93 10.77 18.87
N CYS E 34 -5.78 10.51 18.28
CA CYS E 34 -5.67 10.13 16.87
C CYS E 34 -5.39 8.63 16.79
N ILE E 35 -6.15 7.89 15.97
CA ILE E 35 -5.99 6.43 15.92
C ILE E 35 -5.92 6.00 14.47
N TYR E 36 -4.84 5.29 14.11
CA TYR E 36 -4.69 4.74 12.76
C TYR E 36 -4.91 3.24 12.89
N ASN E 37 -5.87 2.72 12.10
CA ASN E 37 -6.24 1.31 12.17
C ASN E 37 -6.70 1.00 13.60
N GLN E 38 -5.97 0.23 14.37
CA GLN E 38 -6.47 0.08 15.73
C GLN E 38 -5.51 0.64 16.79
N GLU E 39 -4.57 1.50 16.38
CA GLU E 39 -3.51 1.97 17.29
C GLU E 39 -3.54 3.49 17.42
N GLU E 40 -3.72 3.95 18.65
CA GLU E 40 -3.55 5.37 18.95
C GLU E 40 -2.10 5.78 18.67
N SER E 41 -1.93 6.88 17.93
CA SER E 41 -0.58 7.38 17.61
C SER E 41 -0.15 8.62 18.38
N VAL E 42 -1.09 9.54 18.66
CA VAL E 42 -0.75 10.81 19.32
C VAL E 42 -1.98 11.29 20.06
N ARG E 43 -1.75 12.05 21.12
CA ARG E 43 -2.89 12.53 21.88
C ARG E 43 -2.60 13.90 22.48
N PHE E 44 -3.69 14.64 22.77
CA PHE E 44 -3.58 15.84 23.59
C PHE E 44 -4.37 15.60 24.87
N ASP E 45 -3.70 15.69 26.00
CA ASP E 45 -4.31 15.50 27.31
C ASP E 45 -4.25 16.85 28.01
N SER E 46 -5.40 17.41 28.39
CA SER E 46 -5.38 18.74 29.03
C SER E 46 -4.67 18.72 30.39
N ASP E 47 -4.62 17.55 31.05
CA ASP E 47 -3.84 17.46 32.28
C ASP E 47 -2.33 17.55 32.00
N VAL E 48 -1.89 17.32 30.78
CA VAL E 48 -0.47 17.46 30.38
C VAL E 48 -0.21 18.81 29.73
N GLY E 49 -1.11 19.23 28.85
CA GLY E 49 -1.08 20.57 28.29
C GLY E 49 -0.37 20.70 26.97
N GLU E 50 0.03 19.58 26.36
CA GLU E 50 0.69 19.61 25.05
C GLU E 50 0.52 18.23 24.43
N TYR E 51 0.74 18.16 23.13
CA TYR E 51 0.60 16.88 22.45
C TYR E 51 1.76 15.97 22.84
N ARG E 52 1.46 14.67 22.92
CA ARG E 52 2.46 13.66 23.19
C ARG E 52 2.24 12.51 22.22
N ALA E 53 3.33 12.00 21.63
CA ALA E 53 3.22 10.79 20.82
C ALA E 53 2.98 9.59 21.71
N VAL E 54 2.08 8.72 21.26
CA VAL E 54 1.80 7.43 21.91
C VAL E 54 2.63 6.32 21.29
N THR E 55 2.77 6.32 19.98
CA THR E 55 3.70 5.43 19.30
C THR E 55 4.61 6.24 18.40
N GLU E 56 5.64 5.57 17.87
CA GLU E 56 6.60 6.25 16.99
C GLU E 56 5.91 6.94 15.82
N LEU E 57 4.86 6.30 15.30
CA LEU E 57 4.13 6.85 14.16
C LEU E 57 3.58 8.25 14.42
N GLY E 58 3.25 8.60 15.69
CA GLY E 58 2.75 9.93 15.95
C GLY E 58 3.79 11.00 16.30
N ARG E 59 5.08 10.62 16.38
CA ARG E 59 6.07 11.61 16.78
C ARG E 59 6.12 12.85 15.87
N PRO E 60 6.02 12.74 14.55
CA PRO E 60 6.07 13.96 13.73
C PRO E 60 4.93 14.93 14.06
N ASP E 61 3.74 14.42 14.42
CA ASP E 61 2.62 15.31 14.62
C ASP E 61 2.73 16.08 15.94
N ALA E 62 3.10 15.39 17.01
CA ALA E 62 3.30 16.11 18.26
C ALA E 62 4.33 17.22 18.06
N GLU E 63 5.46 16.89 17.43
CA GLU E 63 6.51 17.88 17.27
C GLU E 63 5.98 19.07 16.49
N TYR E 64 5.19 18.82 15.44
CA TYR E 64 4.69 19.92 14.62
C TYR E 64 3.68 20.75 15.40
N TRP E 65 2.69 20.07 15.99
CA TRP E 65 1.58 20.82 16.56
C TRP E 65 2.03 21.61 17.78
N ASN E 66 2.97 21.05 18.55
CA ASN E 66 3.50 21.73 19.74
C ASN E 66 4.32 22.95 19.38
N SER E 67 4.72 23.11 18.13
CA SER E 67 5.44 24.29 17.68
C SER E 67 4.51 25.42 17.30
N GLN E 68 3.20 25.21 17.28
CA GLN E 68 2.26 26.27 16.96
C GLN E 68 1.70 26.80 18.28
N LYS E 69 2.23 27.96 18.73
CA LYS E 69 1.86 28.47 20.06
C LYS E 69 0.37 28.62 20.17
N ASP E 70 -0.29 28.91 19.05
CA ASP E 70 -1.56 29.57 19.17
C ASP E 70 -2.64 28.49 18.96
N LEU E 71 -2.35 27.41 18.20
CA LEU E 71 -3.04 26.11 18.38
C LEU E 71 -3.04 25.59 19.84
N LEU E 72 -1.86 25.59 20.49
CA LEU E 72 -1.76 25.09 21.87
C LEU E 72 -2.60 25.92 22.82
N GLU E 73 -2.66 27.24 22.62
CA GLU E 73 -3.53 28.07 23.45
C GLU E 73 -4.99 27.71 23.23
N GLN E 74 -5.39 27.44 21.96
CA GLN E 74 -6.78 27.08 21.73
C GLN E 74 -7.12 25.74 22.38
N ARG E 75 -6.19 24.78 22.27
CA ARG E 75 -6.45 23.45 22.85
C ARG E 75 -6.50 23.53 24.36
N ARG E 76 -5.61 24.32 24.96
CA ARG E 76 -5.61 24.44 26.42
C ARG E 76 -6.86 25.16 26.94
N ALA E 77 -7.50 25.99 26.12
CA ALA E 77 -8.73 26.64 26.56
C ALA E 77 -9.99 25.85 26.22
N ALA E 78 -9.84 24.73 25.52
CA ALA E 78 -11.03 24.01 25.06
C ALA E 78 -11.81 23.33 26.20
N VAL E 79 -11.21 23.09 27.36
CA VAL E 79 -12.01 22.60 28.47
C VAL E 79 -13.16 23.55 28.77
N ASP E 80 -12.97 24.84 28.51
CA ASP E 80 -14.00 25.87 28.67
C ASP E 80 -14.82 26.09 27.41
N THR E 81 -14.18 26.32 26.27
CA THR E 81 -14.92 26.72 25.09
C THR E 81 -15.59 25.55 24.39
N TYR E 82 -15.12 24.33 24.65
CA TYR E 82 -15.68 23.12 24.03
C TYR E 82 -16.39 22.23 25.05
N CYS E 83 -15.66 21.70 26.02
CA CYS E 83 -16.25 20.74 26.97
C CYS E 83 -17.36 21.37 27.82
N ARG E 84 -17.06 22.44 28.57
CA ARG E 84 -18.12 23.02 29.39
C ARG E 84 -19.23 23.58 28.53
N HIS E 85 -18.89 24.12 27.34
CA HIS E 85 -19.96 24.63 26.48
C HIS E 85 -20.94 23.50 26.11
N ASN E 86 -20.41 22.37 25.62
CA ASN E 86 -21.27 21.30 25.12
C ASN E 86 -22.01 20.61 26.26
N TYR E 87 -21.36 20.48 27.42
CA TYR E 87 -22.08 20.01 28.60
C TYR E 87 -23.32 20.84 28.84
N GLY E 88 -23.19 22.18 28.79
CA GLY E 88 -24.33 23.05 29.04
C GLY E 88 -25.43 22.94 28.00
N VAL E 89 -25.05 22.70 26.74
CA VAL E 89 -26.05 22.59 25.67
C VAL E 89 -27.01 21.43 25.93
N GLY E 90 -26.48 20.28 26.35
CA GLY E 90 -27.26 19.07 26.43
C GLY E 90 -27.70 18.65 27.82
N GLU E 91 -27.30 19.40 28.86
CA GLU E 91 -27.48 18.92 30.23
C GLU E 91 -28.92 18.53 30.56
N SER E 92 -29.89 19.34 30.11
CA SER E 92 -31.27 19.13 30.53
C SER E 92 -31.89 17.87 29.95
N PHE E 93 -31.35 17.31 28.86
CA PHE E 93 -31.93 16.10 28.29
C PHE E 93 -30.98 14.91 28.25
N THR E 94 -29.78 15.02 28.83
CA THR E 94 -28.85 13.90 28.91
C THR E 94 -28.53 13.64 30.38
N VAL E 95 -27.74 14.52 30.99
CA VAL E 95 -27.42 14.43 32.42
C VAL E 95 -28.69 14.32 33.28
N GLN E 96 -29.72 15.11 32.96
CA GLN E 96 -30.95 15.10 33.77
C GLN E 96 -32.00 14.10 33.29
N ARG E 97 -31.70 13.30 32.24
CA ARG E 97 -32.66 12.33 31.74
C ARG E 97 -32.92 11.21 32.78
N ARG E 98 -34.19 11.03 33.12
CA ARG E 98 -34.58 9.95 34.05
C ARG E 98 -35.84 9.30 33.50
N VAL E 99 -35.76 8.01 33.17
CA VAL E 99 -36.91 7.27 32.65
C VAL E 99 -37.09 6.05 33.55
N GLU E 100 -38.27 5.94 34.13
CA GLU E 100 -38.56 4.89 35.11
C GLU E 100 -38.64 3.52 34.46
N PRO E 101 -38.06 2.48 35.08
CA PRO E 101 -38.23 1.11 34.55
C PRO E 101 -39.64 0.59 34.66
N LYS E 102 -39.99 -0.25 33.68
CA LYS E 102 -41.14 -1.13 33.70
C LYS E 102 -40.70 -2.46 34.31
N VAL E 103 -41.39 -2.91 35.37
CA VAL E 103 -40.98 -4.09 36.13
C VAL E 103 -42.10 -5.10 36.05
N THR E 104 -41.76 -6.32 35.59
CA THR E 104 -42.73 -7.41 35.59
C THR E 104 -42.10 -8.68 36.14
N VAL E 105 -42.94 -9.51 36.77
CA VAL E 105 -42.51 -10.78 37.34
C VAL E 105 -43.37 -11.88 36.73
N TYR E 106 -42.74 -13.00 36.36
CA TYR E 106 -43.48 -14.15 35.84
C TYR E 106 -42.67 -15.42 36.07
N PRO E 107 -43.33 -16.58 36.15
CA PRO E 107 -42.57 -17.83 36.22
C PRO E 107 -41.96 -18.15 34.86
N SER E 108 -40.73 -18.68 34.86
CA SER E 108 -40.08 -19.08 33.62
C SER E 108 -40.89 -20.15 32.90
N LYS E 109 -40.84 -20.12 31.55
CA LYS E 109 -41.57 -21.14 30.79
C LYS E 109 -40.97 -22.52 30.99
N THR E 110 -39.65 -22.60 31.07
CA THR E 110 -38.98 -23.86 31.39
C THR E 110 -38.72 -23.90 32.90
N GLN E 111 -39.13 -25.01 33.50
CA GLN E 111 -39.06 -25.25 34.93
C GLN E 111 -38.12 -26.43 35.10
N PRO E 112 -36.82 -26.16 35.25
CA PRO E 112 -35.79 -27.19 35.07
C PRO E 112 -35.65 -28.16 36.24
N LEU E 113 -36.29 -27.89 37.38
CA LEU E 113 -36.14 -28.69 38.60
C LEU E 113 -37.52 -28.95 39.21
N GLN E 114 -37.83 -30.22 39.44
CA GLN E 114 -39.12 -30.53 40.04
C GLN E 114 -39.19 -29.95 41.44
N HIS E 115 -40.41 -29.66 41.86
CA HIS E 115 -40.66 -28.96 43.10
C HIS E 115 -40.06 -27.58 43.12
N HIS E 116 -39.52 -27.03 42.03
CA HIS E 116 -39.01 -25.77 42.49
C HIS E 116 -39.71 -24.81 41.53
N ASN E 117 -39.68 -23.50 41.76
CA ASN E 117 -40.24 -22.58 40.76
C ASN E 117 -39.23 -21.50 40.38
N LEU E 118 -38.77 -21.51 39.12
CA LEU E 118 -37.88 -20.46 38.59
C LEU E 118 -38.67 -19.19 38.24
N LEU E 119 -38.43 -18.10 38.97
CA LEU E 119 -39.09 -16.82 38.78
C LEU E 119 -38.19 -15.84 38.04
N VAL E 120 -38.82 -15.01 37.21
CA VAL E 120 -38.13 -14.03 36.37
C VAL E 120 -38.61 -12.65 36.74
N CYS E 121 -37.68 -11.72 36.98
CA CYS E 121 -38.00 -10.31 37.10
C CYS E 121 -37.38 -9.54 35.92
N SER E 122 -38.23 -8.99 35.05
CA SER E 122 -37.79 -8.20 33.90
C SER E 122 -37.90 -6.72 34.22
N VAL E 123 -36.81 -5.97 33.97
CA VAL E 123 -36.77 -4.55 34.30
C VAL E 123 -36.36 -3.85 33.01
N SER E 124 -37.26 -3.11 32.39
CA SER E 124 -36.97 -2.66 31.03
C SER E 124 -37.27 -1.18 30.82
N GLY E 125 -36.61 -0.61 29.80
CA GLY E 125 -37.00 0.73 29.39
C GLY E 125 -36.44 1.89 30.19
N PHE E 126 -35.39 1.69 30.98
CA PHE E 126 -35.01 2.69 31.96
C PHE E 126 -33.75 3.46 31.54
N TYR E 127 -33.56 4.62 32.18
CA TYR E 127 -32.39 5.50 31.93
C TYR E 127 -32.21 6.34 33.19
N PRO E 128 -30.98 6.50 33.69
CA PRO E 128 -29.71 6.03 33.14
C PRO E 128 -29.48 4.56 33.51
N GLY E 129 -28.29 4.03 33.20
CA GLY E 129 -28.07 2.60 33.39
C GLY E 129 -27.82 2.16 34.83
N SER E 130 -27.44 3.08 35.72
CA SER E 130 -27.25 2.72 37.12
C SER E 130 -28.52 2.17 37.74
N ILE E 131 -28.48 0.93 38.24
CA ILE E 131 -29.68 0.29 38.76
C ILE E 131 -29.26 -0.84 39.67
N GLU E 132 -30.14 -1.19 40.61
CA GLU E 132 -30.00 -2.39 41.41
C GLU E 132 -31.31 -3.15 41.40
N VAL E 133 -31.25 -4.45 41.09
CA VAL E 133 -32.46 -5.29 41.07
C VAL E 133 -32.21 -6.46 42.01
N ARG E 134 -33.07 -6.63 43.03
CA ARG E 134 -32.80 -7.62 44.06
C ARG E 134 -34.06 -8.40 44.31
N TRP E 135 -33.91 -9.68 44.67
CA TRP E 135 -35.05 -10.48 45.13
C TRP E 135 -35.08 -10.53 46.65
N PHE E 136 -36.32 -10.52 47.21
CA PHE E 136 -36.55 -10.71 48.63
C PHE E 136 -37.49 -11.89 48.83
N ARG E 137 -37.26 -12.68 49.88
CA ARG E 137 -38.21 -13.69 50.33
C ARG E 137 -38.75 -13.20 51.67
N ASN E 138 -40.05 -12.91 51.73
CA ASN E 138 -40.65 -12.27 52.92
C ASN E 138 -39.85 -11.00 53.19
N GLY E 139 -39.30 -10.85 54.39
CA GLY E 139 -38.54 -9.62 54.56
C GLY E 139 -37.06 -9.66 54.32
N GLN E 140 -36.52 -10.76 53.79
CA GLN E 140 -35.07 -11.00 53.77
C GLN E 140 -34.55 -10.98 52.34
N GLU E 141 -33.50 -10.22 52.08
CA GLU E 141 -32.93 -10.26 50.74
C GLU E 141 -32.36 -11.66 50.46
N GLU E 142 -32.56 -12.16 49.23
CA GLU E 142 -32.07 -13.48 48.82
C GLU E 142 -30.64 -13.30 48.30
N LYS E 143 -29.70 -14.05 48.89
CA LYS E 143 -28.31 -13.94 48.44
C LYS E 143 -27.78 -15.20 47.78
N ALA E 144 -28.61 -16.24 47.62
CA ALA E 144 -28.25 -17.47 46.95
C ALA E 144 -29.24 -17.76 45.82
N GLY E 145 -28.75 -18.43 44.77
CA GLY E 145 -29.63 -18.81 43.68
C GLY E 145 -30.14 -17.68 42.82
N VAL E 146 -29.49 -16.52 42.83
CA VAL E 146 -29.89 -15.41 42.01
C VAL E 146 -29.02 -15.40 40.76
N VAL E 147 -29.61 -15.18 39.61
CA VAL E 147 -28.82 -15.03 38.38
C VAL E 147 -29.26 -13.75 37.74
N SER E 148 -28.31 -12.88 37.41
CA SER E 148 -28.62 -11.65 36.71
C SER E 148 -28.01 -11.66 35.32
N THR E 149 -28.80 -11.27 34.32
CA THR E 149 -28.26 -11.13 32.97
C THR E 149 -27.33 -9.94 32.84
N GLY E 150 -27.29 -9.08 33.83
CA GLY E 150 -26.49 -7.88 33.73
C GLY E 150 -27.14 -6.80 32.88
N LEU E 151 -26.41 -5.72 32.75
CA LEU E 151 -26.97 -4.51 32.20
C LEU E 151 -26.87 -4.55 30.68
N ILE E 152 -27.98 -4.30 30.00
CA ILE E 152 -28.04 -4.33 28.53
C ILE E 152 -28.40 -2.93 28.03
N GLN E 153 -27.54 -2.35 27.19
CA GLN E 153 -27.83 -1.03 26.59
C GLN E 153 -28.58 -1.28 25.28
N ASN E 154 -29.79 -0.73 25.11
CA ASN E 154 -30.58 -1.02 23.89
C ASN E 154 -30.18 -0.20 22.67
N GLY E 155 -29.30 0.81 22.83
CA GLY E 155 -28.89 1.67 21.72
C GLY E 155 -29.80 2.86 21.49
N ASP E 156 -30.91 3.00 22.27
CA ASP E 156 -31.93 4.03 22.03
C ASP E 156 -32.19 4.86 23.28
N TRP E 157 -31.16 5.02 24.10
CA TRP E 157 -31.24 5.77 25.34
C TRP E 157 -32.16 5.07 26.35
N THR E 158 -32.24 3.74 26.30
CA THR E 158 -32.84 2.93 27.35
C THR E 158 -31.97 1.70 27.57
N PHE E 159 -32.17 1.08 28.74
CA PHE E 159 -31.49 -0.13 29.18
C PHE E 159 -32.51 -1.17 29.63
N GLN E 160 -32.06 -2.42 29.74
CA GLN E 160 -32.91 -3.45 30.35
C GLN E 160 -32.01 -4.42 31.10
N THR E 161 -32.65 -5.20 31.97
CA THR E 161 -31.93 -6.28 32.64
C THR E 161 -32.97 -7.31 33.07
N LEU E 162 -32.50 -8.50 33.41
CA LEU E 162 -33.42 -9.56 33.82
C LEU E 162 -32.73 -10.29 34.98
N VAL E 163 -33.46 -10.59 36.07
CA VAL E 163 -32.86 -11.27 37.22
C VAL E 163 -33.79 -12.42 37.60
N MET E 164 -33.24 -13.64 37.67
CA MET E 164 -33.97 -14.86 37.94
C MET E 164 -33.62 -15.43 39.32
N LEU E 165 -34.60 -16.13 39.91
CA LEU E 165 -34.47 -16.74 41.25
C LEU E 165 -35.05 -18.14 41.17
N GLU E 166 -34.28 -19.18 41.52
CA GLU E 166 -34.88 -20.49 41.79
C GLU E 166 -35.42 -20.51 43.21
N THR E 167 -36.69 -20.85 43.37
CA THR E 167 -37.33 -20.81 44.68
C THR E 167 -37.86 -22.19 45.05
N VAL E 168 -37.99 -22.47 46.35
CA VAL E 168 -38.78 -23.61 46.83
C VAL E 168 -40.02 -22.97 47.43
N PRO E 169 -41.05 -22.75 46.64
CA PRO E 169 -42.20 -21.97 47.11
C PRO E 169 -43.07 -22.75 48.11
N ARG E 170 -42.95 -22.43 49.40
CA ARG E 170 -43.93 -22.86 50.38
C ARG E 170 -45.15 -21.93 50.27
N SER E 171 -46.36 -22.49 50.40
CA SER E 171 -47.53 -21.63 50.45
C SER E 171 -47.37 -20.62 51.60
N GLY E 172 -47.73 -19.35 51.36
CA GLY E 172 -47.47 -18.31 52.34
C GLY E 172 -46.10 -17.63 52.22
N GLU E 173 -45.30 -18.02 51.28
CA GLU E 173 -44.06 -17.28 51.00
C GLU E 173 -44.45 -16.09 50.13
N VAL E 174 -43.84 -14.91 50.37
CA VAL E 174 -44.01 -13.79 49.46
C VAL E 174 -42.65 -13.44 48.85
N TYR E 175 -42.54 -13.48 47.52
CA TYR E 175 -41.29 -13.11 46.87
C TYR E 175 -41.45 -11.74 46.22
N THR E 176 -40.48 -10.86 46.41
CA THR E 176 -40.58 -9.51 45.85
C THR E 176 -39.35 -9.20 45.04
N CYS E 177 -39.56 -8.69 43.82
CA CYS E 177 -38.47 -8.13 43.01
C CYS E 177 -38.46 -6.63 43.32
N GLN E 178 -37.34 -6.13 43.83
CA GLN E 178 -37.20 -4.74 44.26
C GLN E 178 -36.14 -4.03 43.42
N VAL E 179 -36.49 -2.84 42.93
CA VAL E 179 -35.62 -2.10 41.99
C VAL E 179 -35.28 -0.74 42.60
N GLU E 180 -33.98 -0.42 42.67
CA GLU E 180 -33.55 0.91 43.04
C GLU E 180 -32.97 1.58 41.80
N HIS E 181 -33.37 2.81 41.53
CA HIS E 181 -33.01 3.48 40.30
C HIS E 181 -33.14 4.99 40.51
N PRO E 182 -32.32 5.84 39.86
CA PRO E 182 -32.39 7.29 40.16
C PRO E 182 -33.73 7.92 39.78
N SER E 183 -34.56 7.25 38.99
CA SER E 183 -35.83 7.85 38.57
C SER E 183 -36.87 7.83 39.68
N VAL E 184 -36.64 7.03 40.74
CA VAL E 184 -37.63 6.97 41.82
C VAL E 184 -36.94 7.18 43.17
N THR E 185 -37.68 7.79 44.10
CA THR E 185 -37.15 8.04 45.44
C THR E 185 -37.49 6.89 46.39
N SER E 186 -38.50 6.10 46.07
CA SER E 186 -38.80 4.85 46.80
C SER E 186 -38.61 3.70 45.85
N PRO E 187 -38.12 2.54 46.32
CA PRO E 187 -37.90 1.41 45.38
C PRO E 187 -39.22 0.99 44.75
N LEU E 188 -39.13 0.55 43.50
CA LEU E 188 -40.24 -0.13 42.84
C LEU E 188 -40.28 -1.58 43.32
N THR E 189 -41.47 -2.12 43.54
CA THR E 189 -41.53 -3.52 43.98
C THR E 189 -42.66 -4.23 43.25
N VAL E 190 -42.44 -5.50 42.89
CA VAL E 190 -43.49 -6.32 42.27
C VAL E 190 -43.47 -7.65 42.98
N GLU E 191 -44.62 -8.12 43.42
CA GLU E 191 -44.70 -9.24 44.34
C GLU E 191 -45.24 -10.46 43.60
N TRP E 192 -44.71 -11.65 43.94
CA TRP E 192 -45.25 -12.95 43.56
C TRP E 192 -45.61 -13.73 44.83
N ARG E 193 -46.87 -14.10 44.96
CA ARG E 193 -47.31 -14.80 46.17
C ARG E 193 -47.44 -16.28 45.83
N ALA E 194 -46.61 -17.11 46.47
CA ALA E 194 -46.63 -18.57 46.27
C ALA E 194 -47.89 -19.21 46.84
N PRO F 1 -29.16 26.91 21.68
CA PRO F 1 -27.97 26.21 22.15
C PRO F 1 -27.37 25.32 21.08
N LYS F 2 -26.12 25.63 20.73
CA LYS F 2 -25.46 25.00 19.59
C LYS F 2 -24.27 24.19 20.06
N TYR F 3 -24.22 22.93 19.62
CA TYR F 3 -23.02 22.11 19.86
C TYR F 3 -21.84 22.69 19.06
N VAL F 4 -20.67 22.73 19.68
CA VAL F 4 -19.46 23.20 19.01
C VAL F 4 -18.57 22.00 18.77
N LYS F 5 -17.92 21.94 17.59
CA LYS F 5 -16.99 20.83 17.34
C LYS F 5 -15.55 21.30 17.53
N GLN F 6 -14.65 20.38 17.84
CA GLN F 6 -13.21 20.63 17.78
C GLN F 6 -12.80 20.45 16.33
N ASN F 7 -11.94 21.36 15.83
CA ASN F 7 -11.47 21.25 14.44
C ASN F 7 -10.42 20.17 14.31
N THR F 8 -10.42 19.46 13.18
CA THR F 8 -9.34 18.52 12.97
C THR F 8 -8.16 19.23 12.29
N LEU F 9 -6.97 18.93 12.80
CA LEU F 9 -5.69 19.52 12.38
C LEU F 9 -5.08 18.71 11.25
N LYS F 10 -4.33 19.39 10.37
CA LYS F 10 -3.54 18.68 9.36
C LYS F 10 -2.32 18.02 10.02
N LEU F 11 -2.07 16.75 9.67
CA LEU F 11 -0.87 16.02 10.10
C LEU F 11 0.40 16.62 9.48
N ALA F 12 1.53 16.32 10.11
CA ALA F 12 2.83 16.69 9.56
C ALA F 12 3.10 15.91 8.28
N THR F 13 3.79 16.56 7.37
CA THR F 13 4.26 15.97 6.12
C THR F 13 5.75 16.36 5.98
#